data_3SWR
#
_entry.id   3SWR
#
_cell.length_a   60.000
_cell.length_b   110.770
_cell.length_c   201.260
_cell.angle_alpha   90.00
_cell.angle_beta   90.00
_cell.angle_gamma   90.00
#
_symmetry.space_group_name_H-M   'P 21 21 21'
#
loop_
_entity.id
_entity.type
_entity.pdbx_description
1 polymer 'DNA (cytosine-5)-methyltransferase 1'
2 non-polymer SINEFUNGIN
3 non-polymer 'SULFATE ION'
4 non-polymer '2-(N-MORPHOLINO)-ETHANESULFONIC ACID'
5 non-polymer 1,2-ETHANEDIOL
6 non-polymer 'ZINC ION'
7 water water
#
_entity_poly.entity_id   1
_entity_poly.type   'polypeptide(L)'
_entity_poly.pdbx_seq_one_letter_code
;HMRQTIRHSTREKDRGPTKATTTKLVYQIFDTFFAEQIEKDDREDKENAFKRRRCGVCEVCQQPECGKCKACKDMVKFGG
SGRSKQACQERRCPNMAMKEADDDEEVDDNIPEMPSPKKMHQGKKKKQNKNRISWVGEAVKTDGKKSYYKKVCIDAETLE
VGDCVSVIPDDSSKPLYLARVTALWEDSSNGQMFHAHWFCAGTDTVLGATSDPLELFLVDECEDMQLSYIHSKVKVIYKA
PSENWAMEGGMDPESLLEGDDGKTYFYQLWYDQDYARFESPPKTQPTEDNKFKFCVSCARLAEMRQKEIPRVLEQLEDLD
SRVLYYSATKNGILYRVGDGVYLPPEAFTFNIKLSSPVKRPRKEPVDEDLYPEHYRKYSDYIKGSNLDAPEPYRIGRIKE
IFCPKKSNGRPNETDIKIRVNKFYRPENTHKSTPASYHADINLLYWSDEEAVVDFKAVQGRCTVEYGEDLPECVQVYSMG
GPNRFYFLEAYNAKSKSFEDPPNHARSPGNKGKGKGKGKGKPKSQACEPSEPEIEIKLPKLRTLDVFSGCGGLSEGFHQA
GISDTLWAIEMWDPAAQAFRLNNPGSTVFTEDCNILLKLVMAGETTNSRGQRLPQKGDVEMLCGGPPCQGFSGMNRFNSR
TYSKFKNSLVVSFLSYCDYYRPRFFLLENVRNFVSFKRSMVLKLTLRCLVRMGYQCTFGVLQAGQYGVAQTRRRAIILAA
APGEKLPLFPEPLHVFAPRACQLSVVVDDKKFVSNITRLSSGPFRTITVRDTMSDLPEVRNGASALEISYNGEPQSWFQR
QLRGAQYQPILRDHICKDMSALVAARMRHIPLAPGSDWRDLPNIEVRLSDGTMARKLRYTHHDRKNGRSSSGALRGVCSC
VEAGKACDPAARQFNTLIPWCLPHTGNRHNHWAGLYGRLEWDGFFSTTVTNPEPMGKQGRVLHPEQHRVVSVRECARSQG
FPDTYRLFGNILDKHRQVGNAVPPPLAKAIGLEIKLCMLAKA
;
_entity_poly.pdbx_strand_id   A
#
# COMPACT_ATOMS: atom_id res chain seq x y z
N ARG A 3 -13.77 21.72 19.11
CA ARG A 3 -13.75 22.01 20.57
C ARG A 3 -14.91 22.94 20.95
N GLN A 4 -15.49 22.69 22.12
CA GLN A 4 -16.60 23.51 22.62
C GLN A 4 -16.15 24.94 22.84
N THR A 5 -15.05 25.10 23.56
CA THR A 5 -14.46 26.40 23.86
C THR A 5 -12.95 26.22 23.98
N ILE A 6 -12.33 26.97 24.88
CA ILE A 6 -10.89 26.87 25.10
C ILE A 6 -10.64 26.14 26.42
N ARG A 7 -11.18 24.93 26.56
CA ARG A 7 -11.04 24.13 27.78
C ARG A 7 -9.59 23.72 28.05
N HIS A 8 -8.82 24.63 28.64
CA HIS A 8 -7.43 24.39 28.97
C HIS A 8 -6.63 24.23 27.68
N SER A 9 -7.15 24.80 26.59
CA SER A 9 -6.51 24.72 25.29
C SER A 9 -5.36 25.70 25.14
N THR A 10 -4.24 25.21 24.61
CA THR A 10 -3.05 26.03 24.39
C THR A 10 -2.86 26.24 22.89
N ARG A 11 -3.97 26.29 22.16
CA ARG A 11 -4.00 26.49 20.70
C ARG A 11 -2.80 27.26 20.16
N GLU A 12 -2.08 26.64 19.22
CA GLU A 12 -0.91 27.25 18.61
C GLU A 12 -1.10 27.36 17.10
N PRO A 17 -2.42 33.96 -1.85
CA PRO A 17 -3.09 34.08 -0.56
C PRO A 17 -3.48 32.71 0.00
N THR A 18 -4.78 32.48 0.13
CA THR A 18 -5.30 31.20 0.60
C THR A 18 -5.59 30.34 -0.62
N LYS A 19 -5.52 30.96 -1.79
CA LYS A 19 -5.77 30.25 -3.04
C LYS A 19 -4.53 29.46 -3.46
N ALA A 20 -4.74 28.19 -3.80
CA ALA A 20 -3.65 27.34 -4.23
C ALA A 20 -3.18 27.75 -5.61
N THR A 21 -1.94 27.45 -5.93
CA THR A 21 -1.40 27.77 -7.24
C THR A 21 -1.91 26.67 -8.14
N THR A 22 -2.67 27.05 -9.15
CA THR A 22 -3.25 26.08 -10.05
C THR A 22 -3.09 26.44 -11.52
N THR A 23 -3.31 25.47 -12.40
CA THR A 23 -3.25 25.73 -13.82
C THR A 23 -4.71 25.81 -14.23
N LYS A 24 -5.00 26.46 -15.35
CA LYS A 24 -6.39 26.59 -15.79
C LYS A 24 -7.09 25.26 -15.97
N LEU A 25 -6.36 24.22 -16.34
CA LEU A 25 -6.96 22.91 -16.53
C LEU A 25 -7.38 22.33 -15.19
N VAL A 26 -6.46 22.27 -14.24
CA VAL A 26 -6.76 21.72 -12.92
C VAL A 26 -7.85 22.53 -12.22
N TYR A 27 -7.73 23.85 -12.28
CA TYR A 27 -8.71 24.73 -11.64
C TYR A 27 -10.12 24.42 -12.14
N GLN A 28 -10.28 24.41 -13.47
CA GLN A 28 -11.58 24.16 -14.08
C GLN A 28 -12.16 22.78 -13.81
N ILE A 29 -11.31 21.80 -13.61
CA ILE A 29 -11.77 20.44 -13.29
C ILE A 29 -12.42 20.45 -11.90
N PHE A 30 -11.78 21.15 -10.96
CA PHE A 30 -12.29 21.21 -9.60
C PHE A 30 -13.38 22.25 -9.38
N ASP A 31 -13.45 23.25 -10.25
CA ASP A 31 -14.45 24.31 -10.12
C ASP A 31 -15.88 23.82 -10.35
N THR A 32 -16.03 22.78 -11.18
CA THR A 32 -17.32 22.20 -11.52
C THR A 32 -18.14 21.68 -10.32
N PHE A 33 -17.45 21.18 -9.30
CA PHE A 33 -18.12 20.58 -8.15
C PHE A 33 -18.50 21.41 -6.93
N PHE A 34 -19.50 20.89 -6.22
CA PHE A 34 -20.06 21.49 -5.01
C PHE A 34 -20.14 23.00 -5.06
N ALA A 35 -21.07 23.50 -5.88
CA ALA A 35 -21.28 24.93 -6.04
C ALA A 35 -21.68 25.58 -4.72
N GLU A 36 -21.14 26.79 -4.48
CA GLU A 36 -21.41 27.55 -3.26
C GLU A 36 -22.76 28.26 -3.29
N GLN A 37 -23.32 28.42 -4.48
CA GLN A 37 -24.61 29.09 -4.68
C GLN A 37 -25.73 28.04 -4.75
N ILE A 38 -26.68 28.12 -3.82
CA ILE A 38 -27.80 27.19 -3.75
C ILE A 38 -28.48 26.98 -5.12
N ASN A 48 -9.45 30.36 8.71
CA ASN A 48 -9.64 28.94 8.96
C ASN A 48 -8.32 28.17 8.89
N ALA A 49 -7.29 28.71 9.54
CA ALA A 49 -5.96 28.08 9.53
C ALA A 49 -5.86 26.98 10.57
N PHE A 50 -5.01 25.99 10.28
CA PHE A 50 -4.77 24.85 11.16
C PHE A 50 -4.35 25.27 12.56
N LYS A 51 -4.96 24.64 13.56
CA LYS A 51 -4.66 24.94 14.96
C LYS A 51 -4.17 23.70 15.70
N ARG A 52 -2.95 23.78 16.24
CA ARG A 52 -2.35 22.67 16.98
C ARG A 52 -3.12 22.31 18.26
N ARG A 53 -3.37 21.02 18.44
CA ARG A 53 -4.06 20.54 19.64
C ARG A 53 -2.98 19.93 20.52
N ARG A 54 -3.36 19.50 21.72
CA ARG A 54 -2.41 18.87 22.63
C ARG A 54 -2.84 17.42 22.80
N CYS A 55 -1.88 16.53 22.97
CA CYS A 55 -2.18 15.12 23.15
C CYS A 55 -2.53 14.85 24.60
N GLY A 56 -3.81 14.70 24.89
CA GLY A 56 -4.23 14.46 26.25
C GLY A 56 -3.78 13.09 26.70
N VAL A 57 -2.46 12.89 26.75
CA VAL A 57 -1.90 11.61 27.16
C VAL A 57 -0.60 11.71 27.95
N CYS A 58 0.27 12.65 27.59
CA CYS A 58 1.54 12.79 28.28
C CYS A 58 1.30 13.11 29.75
N GLU A 59 2.32 12.88 30.56
CA GLU A 59 2.21 13.12 31.99
C GLU A 59 2.04 14.59 32.37
N VAL A 60 1.91 15.46 31.36
CA VAL A 60 1.70 16.88 31.62
C VAL A 60 0.22 17.17 31.47
N CYS A 61 -0.37 16.68 30.39
CA CYS A 61 -1.80 16.88 30.14
C CYS A 61 -2.58 16.23 31.28
N GLN A 62 -2.01 15.18 31.86
CA GLN A 62 -2.65 14.47 32.96
C GLN A 62 -2.69 15.33 34.21
N GLN A 63 -1.63 16.12 34.39
CA GLN A 63 -1.52 17.01 35.55
C GLN A 63 -2.82 17.75 35.83
N PRO A 64 -3.21 17.82 37.11
CA PRO A 64 -4.43 18.51 37.53
C PRO A 64 -4.15 19.98 37.78
N GLU A 65 -5.04 20.85 37.30
CA GLU A 65 -4.88 22.30 37.48
C GLU A 65 -4.58 22.61 38.94
N CYS A 66 -3.37 23.09 39.21
CA CYS A 66 -2.97 23.40 40.59
C CYS A 66 -3.79 24.53 41.21
N GLY A 67 -4.14 25.53 40.40
CA GLY A 67 -4.92 26.66 40.90
C GLY A 67 -4.11 27.63 41.73
N LYS A 68 -2.81 27.71 41.45
CA LYS A 68 -1.93 28.61 42.19
C LYS A 68 -0.94 29.39 41.31
N CYS A 69 -1.39 29.78 40.11
CA CYS A 69 -0.54 30.56 39.20
C CYS A 69 -1.39 31.46 38.31
N LYS A 70 -0.78 32.49 37.75
CA LYS A 70 -1.46 33.46 36.89
C LYS A 70 -2.45 32.85 35.91
N ALA A 71 -2.23 31.59 35.54
CA ALA A 71 -3.11 30.90 34.62
C ALA A 71 -4.41 30.47 35.30
N CYS A 72 -4.34 29.43 36.11
CA CYS A 72 -5.51 28.91 36.81
C CYS A 72 -6.19 29.98 37.67
N LYS A 73 -5.41 30.97 38.11
CA LYS A 73 -5.95 32.05 38.93
C LYS A 73 -6.69 33.08 38.07
N ASP A 74 -6.58 32.93 36.75
CA ASP A 74 -7.23 33.84 35.81
C ASP A 74 -8.39 33.15 35.09
N MET A 75 -8.86 32.05 35.67
CA MET A 75 -9.97 31.29 35.09
C MET A 75 -11.18 31.31 36.04
N VAL A 76 -12.30 30.78 35.58
CA VAL A 76 -13.52 30.76 36.37
C VAL A 76 -13.41 29.88 37.62
N LYS A 77 -12.86 28.68 37.44
CA LYS A 77 -12.70 27.73 38.54
C LYS A 77 -12.05 28.36 39.76
N PHE A 78 -10.93 29.05 39.54
CA PHE A 78 -10.20 29.70 40.63
C PHE A 78 -10.42 31.23 40.65
N GLY A 79 -11.67 31.63 40.92
CA GLY A 79 -12.01 33.04 40.99
C GLY A 79 -11.36 33.93 39.95
N GLY A 80 -12.07 34.20 38.86
CA GLY A 80 -11.54 35.05 37.82
C GLY A 80 -12.42 35.11 36.58
N SER A 81 -12.01 35.90 35.60
CA SER A 81 -12.76 36.05 34.37
C SER A 81 -12.17 35.20 33.25
N GLY A 82 -13.05 34.63 32.41
CA GLY A 82 -12.60 33.81 31.31
C GLY A 82 -12.08 34.70 30.20
N ARG A 83 -11.04 35.48 30.49
CA ARG A 83 -10.43 36.38 29.52
C ARG A 83 -9.21 35.73 28.87
N SER A 84 -8.21 35.40 29.68
CA SER A 84 -7.00 34.75 29.20
C SER A 84 -7.30 33.25 29.11
N LYS A 85 -7.73 32.80 27.93
CA LYS A 85 -8.06 31.39 27.71
C LYS A 85 -6.85 30.48 27.96
N GLN A 86 -5.68 31.09 28.11
CA GLN A 86 -4.45 30.34 28.36
C GLN A 86 -4.68 29.29 29.46
N ALA A 87 -4.29 28.06 29.17
CA ALA A 87 -4.45 26.96 30.13
C ALA A 87 -3.46 27.02 31.27
N CYS A 88 -3.70 26.20 32.29
CA CYS A 88 -2.83 26.13 33.46
C CYS A 88 -1.38 26.12 33.00
N GLN A 89 -0.50 26.75 33.77
CA GLN A 89 0.91 26.81 33.44
C GLN A 89 1.59 25.45 33.60
N GLU A 90 1.03 24.62 34.49
CA GLU A 90 1.59 23.29 34.73
C GLU A 90 1.10 22.29 33.69
N ARG A 91 0.60 22.81 32.56
CA ARG A 91 0.10 21.97 31.48
C ARG A 91 0.62 22.39 30.11
N ARG A 92 1.85 22.90 30.07
CA ARG A 92 2.45 23.30 28.80
C ARG A 92 2.90 22.05 28.05
N CYS A 93 1.98 21.48 27.28
CA CYS A 93 2.25 20.26 26.52
C CYS A 93 3.50 20.32 25.63
N PRO A 94 4.50 19.48 25.93
CA PRO A 94 5.76 19.38 25.18
C PRO A 94 5.54 18.69 23.84
N ASN A 95 4.43 17.95 23.77
CA ASN A 95 4.08 17.22 22.56
C ASN A 95 3.01 17.92 21.74
N MET A 96 2.98 19.25 21.79
CA MET A 96 1.99 20.01 21.02
C MET A 96 2.13 19.63 19.55
N ALA A 97 1.02 19.26 18.92
CA ALA A 97 1.09 18.87 17.53
C ALA A 97 -0.14 19.16 16.68
N MET A 98 0.10 19.20 15.39
CA MET A 98 -0.91 19.45 14.37
C MET A 98 -1.56 18.11 14.08
N LYS A 99 -2.88 18.06 13.90
CA LYS A 99 -3.51 16.78 13.61
C LYS A 99 -3.23 16.33 12.19
N GLU A 100 -2.15 15.57 12.02
CA GLU A 100 -1.78 15.05 10.69
C GLU A 100 -2.84 14.05 10.27
N ALA A 101 -3.30 14.17 9.04
CA ALA A 101 -4.32 13.26 8.51
C ALA A 101 -3.77 11.85 8.39
N ASP A 102 -2.46 11.70 8.61
CA ASP A 102 -1.80 10.39 8.54
C ASP A 102 -2.37 9.51 9.64
N ASP A 103 -3.69 9.35 9.62
CA ASP A 103 -4.39 8.57 10.62
C ASP A 103 -5.33 7.54 9.98
N ASP A 104 -4.79 6.39 9.60
CA ASP A 104 -5.61 5.34 9.01
C ASP A 104 -6.38 4.67 10.14
N GLU A 105 -6.47 5.37 11.27
CA GLU A 105 -7.16 4.88 12.46
C GLU A 105 -8.68 4.89 12.29
N GLU A 106 -9.18 4.04 11.38
CA GLU A 106 -10.61 3.91 11.13
C GLU A 106 -11.00 2.49 10.75
N VAL A 107 -10.07 1.75 10.14
CA VAL A 107 -10.31 0.36 9.72
C VAL A 107 -11.73 0.19 9.17
N ASP A 108 -12.13 1.09 8.27
CA ASP A 108 -13.46 1.06 7.66
C ASP A 108 -13.58 0.14 6.45
N ASP A 109 -12.84 -0.96 6.45
CA ASP A 109 -12.87 -1.92 5.36
C ASP A 109 -12.45 -3.29 5.87
N ASN A 110 -12.53 -3.47 7.17
CA ASN A 110 -12.14 -4.73 7.80
C ASN A 110 -13.03 -5.91 7.40
N ILE A 111 -14.11 -5.63 6.67
CA ILE A 111 -15.02 -6.70 6.24
C ILE A 111 -15.54 -6.50 4.80
N PRO A 112 -14.64 -6.59 3.80
CA PRO A 112 -15.02 -6.42 2.38
C PRO A 112 -15.80 -7.61 1.81
N GLU A 113 -17.12 -7.46 1.72
CA GLU A 113 -17.96 -8.52 1.19
C GLU A 113 -18.46 -8.18 -0.22
N MET A 114 -17.62 -8.42 -1.23
CA MET A 114 -17.98 -8.15 -2.62
C MET A 114 -17.18 -8.99 -3.62
N PRO A 115 -17.70 -9.14 -4.86
CA PRO A 115 -17.09 -9.90 -5.95
C PRO A 115 -16.23 -9.05 -6.89
N SER A 116 -16.11 -9.52 -8.13
CA SER A 116 -15.36 -8.81 -9.16
C SER A 116 -16.37 -8.08 -10.03
N PRO A 117 -16.01 -6.89 -10.54
CA PRO A 117 -16.94 -6.14 -11.39
C PRO A 117 -17.43 -6.93 -12.61
N LYS A 118 -18.65 -7.44 -12.50
CA LYS A 118 -19.29 -8.23 -13.55
C LYS A 118 -19.22 -7.46 -14.87
N LYS A 119 -18.60 -8.06 -15.88
CA LYS A 119 -18.48 -7.41 -17.19
C LYS A 119 -19.74 -6.63 -17.56
N MET A 120 -19.75 -5.36 -17.16
CA MET A 120 -20.84 -4.43 -17.38
C MET A 120 -21.93 -4.85 -18.36
N HIS A 121 -21.59 -4.88 -19.64
CA HIS A 121 -22.52 -5.21 -20.71
C HIS A 121 -23.09 -6.61 -20.74
N GLN A 122 -22.83 -7.37 -19.69
CA GLN A 122 -23.36 -8.72 -19.57
C GLN A 122 -24.86 -8.57 -19.37
N GLY A 123 -25.64 -8.98 -20.37
CA GLY A 123 -27.09 -8.85 -20.22
C GLY A 123 -27.85 -8.95 -21.52
N LYS A 124 -29.18 -8.98 -21.42
CA LYS A 124 -30.02 -9.07 -22.60
C LYS A 124 -30.19 -7.68 -23.18
N LYS A 125 -30.26 -7.59 -24.50
CA LYS A 125 -30.46 -6.30 -25.17
C LYS A 125 -31.84 -6.33 -25.83
N LYS A 126 -32.35 -5.16 -26.19
CA LYS A 126 -33.66 -5.07 -26.83
C LYS A 126 -33.59 -5.03 -28.35
N LYS A 127 -34.29 -5.96 -28.99
CA LYS A 127 -34.33 -6.04 -30.44
C LYS A 127 -35.18 -4.87 -30.93
N GLN A 128 -34.66 -4.14 -31.91
CA GLN A 128 -35.36 -3.00 -32.47
C GLN A 128 -36.08 -3.39 -33.75
N ASN A 129 -37.14 -2.67 -34.08
CA ASN A 129 -37.90 -2.98 -35.29
C ASN A 129 -37.58 -2.08 -36.48
N LYS A 130 -36.31 -2.00 -36.83
CA LYS A 130 -35.91 -1.21 -37.99
C LYS A 130 -36.57 -1.91 -39.17
N ASN A 131 -37.41 -1.18 -39.89
CA ASN A 131 -38.15 -1.74 -41.02
C ASN A 131 -37.41 -1.95 -42.35
N ARG A 132 -36.12 -1.65 -42.40
CA ARG A 132 -35.37 -1.81 -43.64
C ARG A 132 -33.85 -1.97 -43.47
N ILE A 133 -33.37 -3.20 -43.54
CA ILE A 133 -31.95 -3.48 -43.41
C ILE A 133 -31.49 -4.27 -44.64
N SER A 134 -30.71 -3.62 -45.50
CA SER A 134 -30.22 -4.25 -46.72
C SER A 134 -28.74 -3.96 -47.01
N TRP A 135 -27.98 -5.01 -47.31
CA TRP A 135 -26.56 -4.86 -47.60
C TRP A 135 -26.30 -3.89 -48.74
N VAL A 136 -25.25 -3.09 -48.62
CA VAL A 136 -24.89 -2.13 -49.65
C VAL A 136 -23.57 -2.58 -50.28
N GLY A 137 -23.64 -2.99 -51.54
CA GLY A 137 -22.47 -3.46 -52.25
C GLY A 137 -22.43 -4.98 -52.31
N GLU A 138 -21.31 -5.53 -52.75
CA GLU A 138 -21.17 -6.96 -52.86
C GLU A 138 -20.27 -7.53 -51.76
N ALA A 139 -20.53 -8.78 -51.39
CA ALA A 139 -19.74 -9.45 -50.36
C ALA A 139 -18.25 -9.24 -50.64
N VAL A 140 -17.41 -9.45 -49.63
CA VAL A 140 -15.97 -9.29 -49.78
C VAL A 140 -15.24 -10.51 -49.24
N LYS A 141 -15.98 -11.56 -48.95
CA LYS A 141 -15.41 -12.80 -48.42
C LYS A 141 -16.52 -13.83 -48.25
N THR A 142 -16.13 -15.08 -47.95
CA THR A 142 -17.11 -16.14 -47.75
C THR A 142 -16.54 -17.26 -46.88
N ASP A 143 -16.26 -16.93 -45.62
CA ASP A 143 -15.71 -17.88 -44.66
C ASP A 143 -16.80 -18.82 -44.13
N GLY A 144 -16.99 -19.95 -44.80
CA GLY A 144 -18.00 -20.91 -44.38
C GLY A 144 -19.42 -20.42 -44.59
N LYS A 145 -20.11 -20.14 -43.49
CA LYS A 145 -21.49 -19.67 -43.54
C LYS A 145 -21.53 -18.16 -43.40
N LYS A 146 -20.36 -17.51 -43.44
CA LYS A 146 -20.30 -16.08 -43.27
C LYS A 146 -19.81 -15.29 -44.48
N SER A 147 -20.67 -14.43 -45.00
CA SER A 147 -20.32 -13.59 -46.14
C SER A 147 -20.30 -12.15 -45.66
N TYR A 148 -19.09 -11.60 -45.50
CA TYR A 148 -18.88 -10.26 -45.00
C TYR A 148 -19.15 -9.14 -46.02
N TYR A 149 -19.70 -8.03 -45.52
CA TYR A 149 -19.98 -6.88 -46.35
C TYR A 149 -19.24 -5.67 -45.80
N LYS A 150 -19.00 -4.69 -46.67
CA LYS A 150 -18.28 -3.51 -46.26
C LYS A 150 -19.22 -2.48 -45.69
N LYS A 151 -20.43 -2.45 -46.22
CA LYS A 151 -21.42 -1.48 -45.77
C LYS A 151 -22.79 -2.09 -45.64
N VAL A 152 -23.65 -1.42 -44.88
CA VAL A 152 -25.02 -1.87 -44.67
C VAL A 152 -25.86 -0.62 -44.50
N CYS A 153 -27.13 -0.70 -44.92
CA CYS A 153 -28.05 0.42 -44.85
C CYS A 153 -29.30 0.02 -44.10
N ILE A 154 -29.62 0.78 -43.05
CA ILE A 154 -30.83 0.52 -42.28
C ILE A 154 -31.68 1.79 -42.33
N ASP A 155 -32.99 1.62 -42.48
CA ASP A 155 -33.93 2.75 -42.55
C ASP A 155 -33.26 4.13 -42.73
N ALA A 156 -32.61 4.33 -43.87
CA ALA A 156 -31.94 5.59 -44.19
C ALA A 156 -30.48 5.67 -43.75
N GLU A 157 -30.20 5.28 -42.51
CA GLU A 157 -28.85 5.30 -41.99
C GLU A 157 -27.93 4.34 -42.73
N THR A 158 -26.64 4.60 -42.66
CA THR A 158 -25.64 3.76 -43.32
C THR A 158 -24.50 3.41 -42.36
N LEU A 159 -24.03 2.17 -42.43
CA LEU A 159 -22.95 1.75 -41.54
C LEU A 159 -21.81 1.00 -42.24
N GLU A 160 -20.59 1.44 -41.98
CA GLU A 160 -19.38 0.80 -42.52
C GLU A 160 -18.67 0.33 -41.26
N VAL A 161 -17.69 -0.58 -41.39
CA VAL A 161 -16.99 -1.01 -40.19
C VAL A 161 -16.17 0.18 -39.71
N GLY A 162 -16.13 0.37 -38.39
CA GLY A 162 -15.37 1.47 -37.83
C GLY A 162 -16.31 2.54 -37.31
N ASP A 163 -17.56 2.46 -37.77
CA ASP A 163 -18.58 3.40 -37.32
C ASP A 163 -19.07 2.92 -35.99
N CYS A 164 -19.67 3.81 -35.21
CA CYS A 164 -20.16 3.43 -33.90
C CYS A 164 -21.67 3.49 -33.83
N VAL A 165 -22.23 2.53 -33.11
CA VAL A 165 -23.66 2.40 -32.98
C VAL A 165 -24.06 2.41 -31.50
N SER A 166 -25.36 2.30 -31.25
CA SER A 166 -25.89 2.26 -29.89
C SER A 166 -26.92 1.16 -29.82
N VAL A 167 -26.88 0.38 -28.75
CA VAL A 167 -27.82 -0.70 -28.54
C VAL A 167 -28.52 -0.44 -27.22
N ILE A 168 -29.75 -0.92 -27.08
CA ILE A 168 -30.51 -0.71 -25.86
C ILE A 168 -30.56 -1.94 -24.97
N PRO A 169 -30.21 -1.78 -23.68
CA PRO A 169 -30.23 -2.89 -22.74
C PRO A 169 -31.68 -3.21 -22.41
N ASP A 170 -31.96 -4.44 -22.00
CA ASP A 170 -33.34 -4.79 -21.68
C ASP A 170 -33.69 -4.24 -20.29
N ASP A 171 -32.71 -4.23 -19.39
CA ASP A 171 -32.90 -3.70 -18.04
C ASP A 171 -32.69 -2.19 -18.08
N SER A 172 -33.65 -1.44 -17.52
CA SER A 172 -33.53 0.01 -17.51
C SER A 172 -32.54 0.49 -16.45
N SER A 173 -32.19 -0.41 -15.52
CA SER A 173 -31.23 -0.07 -14.47
C SER A 173 -29.83 -0.01 -15.10
N LYS A 174 -29.76 -0.25 -16.41
CA LYS A 174 -28.51 -0.21 -17.17
C LYS A 174 -28.58 0.94 -18.16
N PRO A 175 -27.43 1.58 -18.44
CA PRO A 175 -27.35 2.71 -19.38
C PRO A 175 -27.41 2.26 -20.85
N LEU A 176 -27.42 3.23 -21.76
CA LEU A 176 -27.46 2.91 -23.18
C LEU A 176 -26.07 2.46 -23.63
N TYR A 177 -25.99 1.39 -24.40
CA TYR A 177 -24.69 0.90 -24.85
C TYR A 177 -24.22 1.50 -26.16
N LEU A 178 -22.92 1.79 -26.20
CA LEU A 178 -22.27 2.35 -27.38
C LEU A 178 -21.21 1.36 -27.82
N ALA A 179 -21.16 1.09 -29.13
CA ALA A 179 -20.20 0.14 -29.65
C ALA A 179 -19.66 0.52 -31.02
N ARG A 180 -18.52 -0.07 -31.35
CA ARG A 180 -17.89 0.14 -32.63
C ARG A 180 -18.16 -1.13 -33.42
N VAL A 181 -18.54 -0.98 -34.69
CA VAL A 181 -18.83 -2.14 -35.53
C VAL A 181 -17.52 -2.56 -36.17
N THR A 182 -17.02 -3.72 -35.78
CA THR A 182 -15.75 -4.19 -36.34
C THR A 182 -15.97 -5.15 -37.51
N ALA A 183 -17.23 -5.53 -37.73
CA ALA A 183 -17.54 -6.44 -38.82
C ALA A 183 -19.00 -6.39 -39.21
N LEU A 184 -19.26 -6.71 -40.47
CA LEU A 184 -20.61 -6.76 -41.01
C LEU A 184 -20.64 -8.00 -41.89
N TRP A 185 -21.47 -8.96 -41.53
CA TRP A 185 -21.54 -10.18 -42.31
C TRP A 185 -22.94 -10.74 -42.24
N GLU A 186 -23.16 -11.82 -42.98
CA GLU A 186 -24.46 -12.45 -42.93
C GLU A 186 -24.24 -13.93 -42.76
N ASP A 187 -24.88 -14.48 -41.75
CA ASP A 187 -24.78 -15.89 -41.43
C ASP A 187 -26.02 -16.59 -41.96
N SER A 188 -25.81 -17.69 -42.68
CA SER A 188 -26.93 -18.44 -43.23
C SER A 188 -27.82 -18.99 -42.12
N SER A 189 -27.30 -18.98 -40.89
CA SER A 189 -28.04 -19.51 -39.73
C SER A 189 -28.56 -18.48 -38.72
N ASN A 190 -28.09 -17.24 -38.81
CA ASN A 190 -28.53 -16.22 -37.85
C ASN A 190 -29.05 -14.92 -38.47
N GLY A 191 -28.66 -14.66 -39.72
CA GLY A 191 -29.13 -13.46 -40.38
C GLY A 191 -28.07 -12.39 -40.57
N GLN A 192 -28.54 -11.14 -40.63
CA GLN A 192 -27.67 -9.99 -40.81
C GLN A 192 -27.04 -9.60 -39.48
N MET A 193 -25.78 -9.99 -39.30
CA MET A 193 -25.05 -9.75 -38.07
C MET A 193 -24.09 -8.57 -38.15
N PHE A 194 -23.31 -8.42 -37.08
CA PHE A 194 -22.28 -7.40 -36.93
C PHE A 194 -21.57 -7.69 -35.62
N HIS A 195 -20.32 -7.24 -35.50
CA HIS A 195 -19.59 -7.48 -34.27
C HIS A 195 -19.55 -6.15 -33.54
N ALA A 196 -19.88 -6.19 -32.26
CA ALA A 196 -19.90 -4.99 -31.45
C ALA A 196 -18.77 -4.94 -30.41
N HIS A 197 -17.91 -3.94 -30.52
CA HIS A 197 -16.84 -3.77 -29.56
C HIS A 197 -17.31 -2.67 -28.63
N TRP A 198 -17.76 -3.06 -27.44
CA TRP A 198 -18.29 -2.08 -26.51
C TRP A 198 -17.31 -1.03 -25.98
N PHE A 199 -17.87 0.16 -25.75
CA PHE A 199 -17.15 1.27 -25.16
C PHE A 199 -17.69 1.22 -23.74
N CYS A 200 -17.07 1.98 -22.85
CA CYS A 200 -17.52 2.03 -21.47
C CYS A 200 -17.69 3.51 -21.19
N ALA A 201 -18.86 3.89 -20.69
CA ALA A 201 -19.11 5.29 -20.37
C ALA A 201 -18.36 5.69 -19.10
N GLY A 202 -17.87 6.92 -19.08
CA GLY A 202 -17.13 7.41 -17.92
C GLY A 202 -17.76 7.11 -16.58
N THR A 203 -19.07 7.26 -16.47
CA THR A 203 -19.73 7.00 -15.21
C THR A 203 -19.74 5.52 -14.80
N ASP A 204 -19.16 4.64 -15.62
CA ASP A 204 -19.09 3.22 -15.26
C ASP A 204 -17.67 2.90 -14.77
N THR A 205 -16.80 3.91 -14.80
CA THR A 205 -15.43 3.73 -14.33
C THR A 205 -15.35 4.28 -12.91
N VAL A 206 -14.17 4.19 -12.29
CA VAL A 206 -13.99 4.68 -10.92
C VAL A 206 -14.31 6.15 -10.86
N LEU A 207 -14.19 6.84 -11.98
CA LEU A 207 -14.48 8.26 -12.01
C LEU A 207 -15.91 8.56 -11.63
N GLY A 208 -16.82 7.70 -12.07
CA GLY A 208 -18.21 7.88 -11.76
C GLY A 208 -18.73 9.17 -12.36
N ALA A 209 -19.54 9.89 -11.59
CA ALA A 209 -20.13 11.14 -12.04
C ALA A 209 -19.17 12.32 -12.20
N THR A 210 -17.89 12.12 -11.88
CA THR A 210 -16.94 13.23 -12.02
C THR A 210 -16.35 13.31 -13.41
N SER A 211 -16.65 12.33 -14.25
CA SER A 211 -16.10 12.34 -15.60
C SER A 211 -16.89 13.17 -16.58
N ASP A 212 -16.29 13.42 -17.75
CA ASP A 212 -16.94 14.18 -18.81
C ASP A 212 -18.07 13.29 -19.29
N PRO A 213 -19.28 13.85 -19.43
CA PRO A 213 -20.47 13.13 -19.88
C PRO A 213 -20.34 12.62 -21.30
N LEU A 214 -19.37 13.16 -22.04
CA LEU A 214 -19.15 12.74 -23.42
C LEU A 214 -17.97 11.80 -23.58
N GLU A 215 -17.14 11.66 -22.54
CA GLU A 215 -16.00 10.77 -22.65
C GLU A 215 -16.33 9.29 -22.49
N LEU A 216 -15.74 8.50 -23.36
CA LEU A 216 -15.89 7.06 -23.37
C LEU A 216 -14.48 6.49 -23.21
N PHE A 217 -14.41 5.20 -22.90
CA PHE A 217 -13.13 4.54 -22.74
C PHE A 217 -13.24 3.20 -23.42
N LEU A 218 -12.09 2.71 -23.88
CA LEU A 218 -12.05 1.41 -24.53
C LEU A 218 -11.95 0.33 -23.47
N VAL A 219 -12.58 -0.82 -23.75
CA VAL A 219 -12.55 -1.95 -22.84
C VAL A 219 -12.55 -3.22 -23.67
N ASP A 220 -12.08 -4.32 -23.08
CA ASP A 220 -12.05 -5.60 -23.79
C ASP A 220 -13.38 -6.33 -23.60
N GLU A 221 -14.43 -5.76 -24.19
CA GLU A 221 -15.76 -6.34 -24.15
C GLU A 221 -16.36 -6.28 -25.55
N CYS A 222 -16.84 -7.43 -26.02
CA CYS A 222 -17.43 -7.51 -27.34
C CYS A 222 -18.35 -8.72 -27.46
N GLU A 223 -19.08 -8.79 -28.57
CA GLU A 223 -20.00 -9.92 -28.78
C GLU A 223 -20.65 -9.79 -30.14
N ASP A 224 -20.94 -10.93 -30.77
CA ASP A 224 -21.60 -10.93 -32.08
C ASP A 224 -23.03 -10.54 -31.78
N MET A 225 -23.72 -9.97 -32.76
CA MET A 225 -25.09 -9.52 -32.55
C MET A 225 -25.83 -9.22 -33.85
N GLN A 226 -27.15 -9.44 -33.86
CA GLN A 226 -27.98 -9.19 -35.04
C GLN A 226 -28.20 -7.70 -35.25
N LEU A 227 -27.93 -7.24 -36.46
CA LEU A 227 -28.09 -5.83 -36.81
C LEU A 227 -29.44 -5.24 -36.39
N SER A 228 -30.40 -6.11 -36.07
CA SER A 228 -31.72 -5.65 -35.66
C SER A 228 -31.66 -5.01 -34.26
N TYR A 229 -30.59 -5.29 -33.53
CA TYR A 229 -30.43 -4.74 -32.19
C TYR A 229 -29.84 -3.33 -32.19
N ILE A 230 -29.46 -2.84 -33.36
CA ILE A 230 -28.87 -1.51 -33.49
C ILE A 230 -29.94 -0.44 -33.28
N HIS A 231 -29.70 0.47 -32.35
CA HIS A 231 -30.66 1.53 -32.07
C HIS A 231 -30.45 2.78 -32.90
N SER A 232 -29.20 3.16 -33.09
CA SER A 232 -28.91 4.35 -33.87
C SER A 232 -27.44 4.43 -34.16
N LYS A 233 -27.06 5.36 -35.03
CA LYS A 233 -25.66 5.55 -35.35
C LYS A 233 -25.20 6.69 -34.45
N VAL A 234 -23.94 6.66 -34.04
CA VAL A 234 -23.39 7.72 -33.18
C VAL A 234 -21.97 8.02 -33.59
N LYS A 235 -21.59 9.29 -33.48
CA LYS A 235 -20.24 9.70 -33.83
C LYS A 235 -19.34 9.61 -32.60
N VAL A 236 -18.15 9.06 -32.77
CA VAL A 236 -17.19 8.91 -31.68
C VAL A 236 -15.80 9.21 -32.22
N ILE A 237 -15.22 10.33 -31.79
CA ILE A 237 -13.90 10.72 -32.27
C ILE A 237 -12.79 10.36 -31.29
N TYR A 238 -11.61 10.06 -31.81
CA TYR A 238 -10.45 9.71 -30.99
C TYR A 238 -9.70 10.98 -30.64
N LYS A 239 -9.37 11.17 -29.36
CA LYS A 239 -8.64 12.36 -28.94
C LYS A 239 -7.21 12.03 -28.49
N ALA A 240 -6.31 11.85 -29.46
CA ALA A 240 -4.93 11.51 -29.13
C ALA A 240 -4.14 12.70 -28.62
N PRO A 241 -3.03 12.43 -27.91
CA PRO A 241 -2.18 13.48 -27.37
C PRO A 241 -1.53 14.23 -28.55
N SER A 242 -1.41 15.56 -28.43
CA SER A 242 -0.81 16.36 -29.49
C SER A 242 0.67 16.09 -29.61
N GLU A 243 1.29 16.73 -30.59
CA GLU A 243 2.71 16.58 -30.85
C GLU A 243 3.49 17.14 -29.66
N ASN A 244 2.97 18.21 -29.09
CA ASN A 244 3.60 18.89 -27.96
C ASN A 244 2.88 18.64 -26.64
N TRP A 245 2.36 17.42 -26.44
CA TRP A 245 1.66 17.11 -25.20
C TRP A 245 2.42 17.54 -23.96
N ALA A 246 3.71 17.21 -23.92
CA ALA A 246 4.54 17.55 -22.77
C ALA A 246 4.77 19.04 -22.54
N MET A 247 4.43 19.88 -23.50
CA MET A 247 4.62 21.32 -23.33
C MET A 247 3.29 22.04 -23.08
N GLU A 248 2.20 21.32 -23.33
CA GLU A 248 0.86 21.87 -23.16
C GLU A 248 0.43 22.13 -21.72
N GLY A 249 1.30 21.84 -20.76
CA GLY A 249 0.94 22.06 -19.38
C GLY A 249 0.86 23.54 -19.05
N GLY A 250 -0.28 23.99 -18.52
CA GLY A 250 -0.43 25.39 -18.17
C GLY A 250 -1.14 26.22 -19.22
N MET A 251 -1.12 25.75 -20.45
CA MET A 251 -1.78 26.45 -21.54
C MET A 251 -3.27 26.58 -21.27
N ASP A 252 -3.98 27.27 -22.15
CA ASP A 252 -5.41 27.46 -21.98
C ASP A 252 -6.17 26.41 -22.77
N PRO A 253 -7.25 25.86 -22.19
CA PRO A 253 -8.09 24.82 -22.83
C PRO A 253 -8.50 25.11 -24.27
N GLU A 254 -7.87 24.39 -25.21
CA GLU A 254 -8.15 24.53 -26.63
C GLU A 254 -9.39 23.76 -27.10
N SER A 255 -9.41 23.40 -28.38
CA SER A 255 -10.51 22.66 -28.99
C SER A 255 -10.38 22.49 -30.50
N LEU A 256 -10.47 21.25 -30.97
CA LEU A 256 -10.38 20.95 -32.40
C LEU A 256 -11.62 21.56 -33.07
N LEU A 257 -12.75 21.39 -32.41
CA LEU A 257 -14.05 21.91 -32.86
C LEU A 257 -15.06 21.74 -31.73
N GLU A 258 -16.10 22.57 -31.75
CA GLU A 258 -17.15 22.54 -30.74
C GLU A 258 -18.09 21.34 -30.88
N GLY A 259 -18.53 21.09 -32.11
CA GLY A 259 -19.41 19.97 -32.35
C GLY A 259 -18.71 18.66 -32.04
N ASP A 260 -17.38 18.68 -32.11
CA ASP A 260 -16.57 17.50 -31.83
C ASP A 260 -16.39 17.23 -30.34
N ASP A 261 -15.27 17.71 -29.78
CA ASP A 261 -14.99 17.51 -28.37
C ASP A 261 -15.99 18.28 -27.50
N GLY A 262 -16.65 19.27 -28.09
CA GLY A 262 -17.61 20.07 -27.36
C GLY A 262 -18.99 19.44 -27.24
N LYS A 263 -19.43 18.75 -28.28
CA LYS A 263 -20.75 18.12 -28.25
C LYS A 263 -20.83 16.70 -28.80
N THR A 264 -19.69 16.09 -29.05
CA THR A 264 -19.66 14.74 -29.58
C THR A 264 -18.90 13.77 -28.68
N TYR A 265 -19.35 12.51 -28.66
CA TYR A 265 -18.68 11.51 -27.86
C TYR A 265 -17.25 11.41 -28.32
N PHE A 266 -16.34 11.23 -27.38
CA PHE A 266 -14.94 11.09 -27.71
C PHE A 266 -14.31 10.15 -26.72
N TYR A 267 -13.10 9.71 -27.03
CA TYR A 267 -12.36 8.81 -26.15
C TYR A 267 -10.87 9.05 -26.37
N GLN A 268 -10.07 8.64 -25.41
CA GLN A 268 -8.63 8.81 -25.53
C GLN A 268 -7.89 7.67 -24.86
N LEU A 269 -8.57 6.97 -23.96
CA LEU A 269 -7.95 5.88 -23.23
C LEU A 269 -8.68 4.56 -23.17
N TRP A 270 -7.93 3.54 -22.75
CA TRP A 270 -8.44 2.19 -22.59
C TRP A 270 -8.67 2.06 -21.07
N TYR A 271 -9.54 1.15 -20.65
CA TYR A 271 -9.83 0.99 -19.23
C TYR A 271 -9.94 -0.44 -18.74
N ASP A 272 -9.36 -0.69 -17.58
CA ASP A 272 -9.42 -2.02 -16.98
C ASP A 272 -10.30 -1.82 -15.73
N GLN A 273 -11.49 -2.40 -15.76
CA GLN A 273 -12.42 -2.25 -14.65
C GLN A 273 -11.97 -2.95 -13.37
N ASP A 274 -11.33 -4.10 -13.49
CA ASP A 274 -10.88 -4.82 -12.31
C ASP A 274 -9.78 -4.11 -11.54
N TYR A 275 -8.91 -3.43 -12.27
CA TYR A 275 -7.78 -2.77 -11.65
C TYR A 275 -7.79 -1.24 -11.63
N ALA A 276 -8.87 -0.64 -12.10
CA ALA A 276 -8.96 0.82 -12.16
C ALA A 276 -7.73 1.36 -12.86
N ARG A 277 -7.46 0.84 -14.04
CA ARG A 277 -6.32 1.30 -14.82
C ARG A 277 -6.80 1.98 -16.10
N PHE A 278 -6.31 3.19 -16.34
CA PHE A 278 -6.61 3.93 -17.55
C PHE A 278 -5.30 3.88 -18.31
N GLU A 279 -5.34 3.34 -19.52
CA GLU A 279 -4.12 3.20 -20.32
C GLU A 279 -4.28 3.66 -21.77
N SER A 280 -3.15 3.96 -22.42
CA SER A 280 -3.19 4.39 -23.82
C SER A 280 -3.73 3.23 -24.66
N PRO A 281 -4.40 3.53 -25.78
CA PRO A 281 -4.95 2.47 -26.63
C PRO A 281 -3.93 1.44 -27.04
N PRO A 282 -4.34 0.16 -27.08
CA PRO A 282 -3.48 -0.95 -27.46
C PRO A 282 -3.06 -0.78 -28.91
N LYS A 283 -1.93 -1.37 -29.29
CA LYS A 283 -1.45 -1.25 -30.66
C LYS A 283 -1.63 -2.55 -31.44
N THR A 284 -2.11 -3.60 -30.77
CA THR A 284 -2.32 -4.92 -31.37
C THR A 284 -2.54 -4.82 -32.88
N GLN A 285 -1.85 -5.66 -33.62
CA GLN A 285 -1.95 -5.64 -35.08
C GLN A 285 -2.77 -6.77 -35.69
N PRO A 286 -3.45 -6.48 -36.82
CA PRO A 286 -4.30 -7.42 -37.57
C PRO A 286 -3.53 -8.17 -38.65
N THR A 287 -3.62 -9.49 -38.65
CA THR A 287 -2.95 -10.28 -39.67
C THR A 287 -3.68 -9.88 -40.94
N GLU A 288 -2.97 -9.85 -42.07
CA GLU A 288 -3.60 -9.46 -43.32
C GLU A 288 -4.62 -10.49 -43.81
N ASP A 289 -5.47 -10.93 -42.88
CA ASP A 289 -6.52 -11.89 -43.16
C ASP A 289 -7.83 -11.37 -42.59
N ASN A 290 -7.72 -10.32 -41.77
CA ASN A 290 -8.90 -9.73 -41.14
C ASN A 290 -8.85 -8.21 -41.02
N LYS A 291 -8.44 -7.54 -42.10
CA LYS A 291 -8.38 -6.08 -42.09
C LYS A 291 -9.79 -5.51 -42.24
N PHE A 292 -10.76 -6.38 -42.52
CA PHE A 292 -12.15 -5.98 -42.72
C PHE A 292 -13.07 -6.56 -41.64
N LYS A 293 -12.48 -7.29 -40.69
CA LYS A 293 -13.25 -7.91 -39.61
C LYS A 293 -12.43 -7.96 -38.31
N PHE A 294 -11.44 -7.08 -38.20
CA PHE A 294 -10.60 -7.07 -37.01
C PHE A 294 -11.23 -6.44 -35.79
N CYS A 295 -11.01 -7.08 -34.65
CA CYS A 295 -11.51 -6.60 -33.38
C CYS A 295 -10.36 -6.70 -32.39
N VAL A 296 -9.84 -5.56 -31.95
CA VAL A 296 -8.75 -5.56 -31.00
C VAL A 296 -9.12 -6.36 -29.75
N SER A 297 -10.37 -6.22 -29.33
CA SER A 297 -10.86 -6.92 -28.15
C SER A 297 -10.65 -8.42 -28.27
N CYS A 298 -11.20 -9.01 -29.33
CA CYS A 298 -11.06 -10.45 -29.53
C CYS A 298 -9.58 -10.80 -29.58
N ALA A 299 -8.80 -10.00 -30.31
CA ALA A 299 -7.38 -10.24 -30.43
C ALA A 299 -6.78 -10.38 -29.04
N ARG A 300 -7.03 -9.39 -28.17
CA ARG A 300 -6.49 -9.41 -26.82
C ARG A 300 -7.08 -10.53 -25.97
N LEU A 301 -8.39 -10.71 -26.03
CA LEU A 301 -9.02 -11.77 -25.25
C LEU A 301 -8.47 -13.13 -25.68
N ALA A 302 -8.12 -13.26 -26.95
CA ALA A 302 -7.56 -14.51 -27.45
C ALA A 302 -6.17 -14.71 -26.85
N GLU A 303 -5.44 -13.60 -26.69
CA GLU A 303 -4.12 -13.65 -26.11
C GLU A 303 -4.21 -14.08 -24.66
N MET A 304 -5.17 -13.53 -23.93
CA MET A 304 -5.34 -13.86 -22.53
C MET A 304 -5.72 -15.31 -22.26
N ARG A 305 -6.58 -15.88 -23.10
CA ARG A 305 -6.98 -17.28 -22.92
C ARG A 305 -5.81 -18.21 -23.21
N GLN A 306 -5.04 -17.88 -24.24
CA GLN A 306 -3.88 -18.69 -24.64
C GLN A 306 -2.68 -18.46 -23.75
N LYS A 307 -2.58 -17.27 -23.17
CA LYS A 307 -1.48 -16.94 -22.29
C LYS A 307 -1.65 -17.64 -20.94
N GLU A 308 -2.85 -18.17 -20.69
CA GLU A 308 -3.12 -18.83 -19.42
C GLU A 308 -3.51 -20.31 -19.49
N ILE A 309 -3.00 -21.01 -20.49
CA ILE A 309 -3.29 -22.43 -20.62
C ILE A 309 -2.02 -23.24 -20.36
N PRO A 310 -1.85 -23.71 -19.11
CA PRO A 310 -0.64 -24.48 -18.83
C PRO A 310 -0.48 -25.46 -19.99
N ARG A 311 0.64 -25.37 -20.69
CA ARG A 311 0.87 -26.26 -21.83
C ARG A 311 2.34 -26.62 -21.98
N VAL A 312 2.62 -27.90 -22.12
CA VAL A 312 3.99 -28.37 -22.28
C VAL A 312 4.45 -28.06 -23.71
N LEU A 313 5.76 -28.04 -23.93
CA LEU A 313 6.31 -27.73 -25.25
C LEU A 313 7.03 -28.93 -25.86
N GLU A 314 8.31 -28.75 -26.22
CA GLU A 314 9.08 -29.83 -26.80
C GLU A 314 9.14 -30.99 -25.82
N GLN A 315 9.16 -32.23 -26.33
CA GLN A 315 9.23 -33.39 -25.47
C GLN A 315 10.62 -34.03 -25.56
N LEU A 316 11.02 -34.75 -24.52
CA LEU A 316 12.33 -35.38 -24.52
C LEU A 316 12.28 -36.89 -24.23
N GLU A 317 11.08 -37.48 -24.24
CA GLU A 317 10.94 -38.92 -24.02
C GLU A 317 9.50 -39.41 -23.96
N ASP A 318 9.26 -40.57 -24.57
CA ASP A 318 7.92 -41.18 -24.60
C ASP A 318 7.96 -42.54 -23.90
N LEU A 319 7.44 -42.59 -22.68
CA LEU A 319 7.42 -43.80 -21.86
C LEU A 319 6.08 -44.54 -21.78
N ASP A 320 6.13 -45.71 -21.14
CA ASP A 320 4.97 -46.59 -20.98
C ASP A 320 3.68 -45.93 -20.50
N SER A 321 3.76 -45.08 -19.48
CA SER A 321 2.57 -44.44 -18.95
C SER A 321 2.51 -42.92 -19.06
N ARG A 322 3.63 -42.29 -19.42
CA ARG A 322 3.66 -40.83 -19.53
C ARG A 322 4.81 -40.33 -20.40
N VAL A 323 4.64 -39.15 -20.98
CA VAL A 323 5.67 -38.55 -21.82
C VAL A 323 6.28 -37.32 -21.14
N LEU A 324 7.60 -37.28 -21.09
CA LEU A 324 8.30 -36.17 -20.46
C LEU A 324 8.61 -35.06 -21.45
N TYR A 325 8.53 -33.81 -20.99
CA TYR A 325 8.83 -32.66 -21.81
C TYR A 325 9.99 -31.89 -21.15
N TYR A 326 10.73 -31.13 -21.95
CA TYR A 326 11.86 -30.36 -21.43
C TYR A 326 11.40 -29.05 -20.82
N SER A 327 10.31 -28.51 -21.34
CA SER A 327 9.79 -27.25 -20.85
C SER A 327 8.27 -27.17 -20.98
N ALA A 328 7.70 -26.25 -20.22
CA ALA A 328 6.26 -26.01 -20.22
C ALA A 328 6.07 -24.52 -19.97
N THR A 329 4.94 -24.00 -20.42
CA THR A 329 4.67 -22.59 -20.25
C THR A 329 3.31 -22.37 -19.58
N LYS A 330 3.30 -21.45 -18.63
CA LYS A 330 2.09 -21.11 -17.88
C LYS A 330 2.09 -19.65 -17.49
N ASN A 331 1.08 -18.93 -17.94
CA ASN A 331 0.93 -17.53 -17.59
C ASN A 331 1.98 -16.59 -18.17
N GLY A 332 2.49 -16.91 -19.36
CA GLY A 332 3.49 -16.06 -19.99
C GLY A 332 4.90 -16.34 -19.54
N ILE A 333 5.05 -17.29 -18.63
CA ILE A 333 6.36 -17.65 -18.11
C ILE A 333 6.75 -19.04 -18.58
N LEU A 334 7.97 -19.16 -19.08
CA LEU A 334 8.51 -20.42 -19.57
C LEU A 334 9.26 -21.19 -18.46
N TYR A 335 8.79 -22.40 -18.16
CA TYR A 335 9.43 -23.23 -17.12
C TYR A 335 10.20 -24.38 -17.75
N ARG A 336 11.48 -24.51 -17.41
CA ARG A 336 12.30 -25.58 -17.96
C ARG A 336 12.85 -26.48 -16.86
N VAL A 337 13.18 -27.73 -17.21
CA VAL A 337 13.76 -28.64 -16.24
C VAL A 337 14.96 -27.94 -15.59
N GLY A 338 15.14 -28.14 -14.30
CA GLY A 338 16.25 -27.51 -13.60
C GLY A 338 15.92 -26.14 -13.04
N ASP A 339 14.81 -25.55 -13.49
CA ASP A 339 14.38 -24.24 -13.02
C ASP A 339 13.85 -24.28 -11.60
N GLY A 340 13.69 -23.09 -11.02
CA GLY A 340 13.16 -22.98 -9.67
C GLY A 340 11.68 -22.67 -9.78
N VAL A 341 10.89 -23.22 -8.87
CA VAL A 341 9.46 -23.02 -8.92
C VAL A 341 8.91 -22.75 -7.53
N TYR A 342 7.90 -21.88 -7.45
CA TYR A 342 7.23 -21.52 -6.19
C TYR A 342 5.98 -22.37 -6.04
N LEU A 343 5.79 -22.97 -4.87
CA LEU A 343 4.60 -23.80 -4.65
C LEU A 343 3.89 -23.39 -3.37
N PRO A 344 2.58 -23.62 -3.31
CA PRO A 344 1.87 -23.24 -2.09
C PRO A 344 2.40 -24.10 -0.93
N PRO A 345 2.26 -23.63 0.31
CA PRO A 345 2.74 -24.42 1.44
C PRO A 345 2.00 -25.76 1.52
N GLU A 346 0.90 -25.88 0.80
CA GLU A 346 0.12 -27.12 0.80
C GLU A 346 0.68 -28.12 -0.21
N ALA A 347 1.41 -27.63 -1.21
CA ALA A 347 1.97 -28.49 -2.24
C ALA A 347 2.63 -29.74 -1.68
N PHE A 348 3.35 -29.60 -0.57
CA PHE A 348 3.99 -30.75 0.05
C PHE A 348 4.48 -30.50 1.47
N THR A 349 4.89 -31.58 2.12
CA THR A 349 5.40 -31.53 3.49
C THR A 349 6.86 -31.93 3.40
N PHE A 350 7.57 -31.79 4.51
CA PHE A 350 8.96 -32.17 4.54
C PHE A 350 9.03 -33.43 5.38
N ASN A 351 10.05 -34.26 5.16
CA ASN A 351 10.17 -35.49 5.96
C ASN A 351 10.21 -35.10 7.43
N ILE A 352 10.91 -34.02 7.75
CA ILE A 352 11.01 -33.55 9.12
C ILE A 352 9.63 -33.28 9.73
N LYS A 353 9.31 -34.00 10.79
CA LYS A 353 8.04 -33.84 11.46
C LYS A 353 7.91 -32.50 12.18
N LEU A 354 6.90 -31.73 11.79
CA LEU A 354 6.63 -30.43 12.41
C LEU A 354 6.21 -30.71 13.85
N SER A 355 7.15 -30.55 14.79
CA SER A 355 6.88 -30.81 16.20
C SER A 355 5.65 -30.09 16.76
N SER A 356 4.89 -30.80 17.59
CA SER A 356 3.68 -30.25 18.21
C SER A 356 3.86 -30.24 19.74
N PRO A 357 3.81 -29.05 20.33
CA PRO A 357 3.97 -28.88 21.77
C PRO A 357 2.81 -29.48 22.57
N VAL A 358 3.05 -29.70 23.86
CA VAL A 358 2.04 -30.27 24.76
C VAL A 358 2.05 -29.61 26.14
N LYS A 359 1.06 -29.95 26.95
CA LYS A 359 0.92 -29.43 28.31
C LYS A 359 0.82 -27.90 28.35
N ARG A 360 0.93 -27.36 29.56
CA ARG A 360 0.86 -25.91 29.78
C ARG A 360 1.34 -25.61 31.20
N PRO A 361 1.04 -24.42 31.70
CA PRO A 361 1.44 -24.02 33.05
C PRO A 361 0.86 -25.02 34.05
N ARG A 362 1.60 -25.30 35.13
CA ARG A 362 1.14 -26.26 36.14
C ARG A 362 -0.03 -25.73 36.97
N LYS A 363 -1.13 -25.43 36.28
CA LYS A 363 -2.38 -24.94 36.88
C LYS A 363 -2.28 -23.98 38.07
N GLU A 364 -2.48 -22.68 37.80
CA GLU A 364 -2.45 -21.64 38.84
C GLU A 364 -2.89 -20.28 38.30
N PRO A 365 -4.09 -19.82 38.72
CA PRO A 365 -4.63 -18.52 38.27
C PRO A 365 -3.79 -17.36 38.80
N VAL A 366 -4.12 -16.14 38.38
CA VAL A 366 -3.35 -14.98 38.81
C VAL A 366 -3.91 -14.32 40.07
N ASP A 367 -3.01 -13.76 40.88
CA ASP A 367 -3.38 -13.09 42.14
C ASP A 367 -3.98 -11.71 41.89
N GLU A 368 -5.31 -11.66 41.92
CA GLU A 368 -6.07 -10.44 41.66
C GLU A 368 -5.88 -9.27 42.63
N ASP A 369 -5.39 -9.54 43.83
CA ASP A 369 -5.15 -8.46 44.77
C ASP A 369 -3.98 -7.66 44.22
N LEU A 370 -3.00 -8.37 43.67
CA LEU A 370 -1.80 -7.76 43.12
C LEU A 370 -1.99 -7.24 41.69
N TYR A 371 -2.78 -7.95 40.90
CA TYR A 371 -3.05 -7.56 39.52
C TYR A 371 -4.56 -7.42 39.34
N PRO A 372 -5.13 -6.32 39.85
CA PRO A 372 -6.56 -6.00 39.79
C PRO A 372 -7.13 -5.68 38.41
N GLU A 373 -6.28 -5.21 37.51
CA GLU A 373 -6.74 -4.88 36.17
C GLU A 373 -6.43 -5.95 35.12
N HIS A 374 -6.11 -7.15 35.57
CA HIS A 374 -5.77 -8.24 34.66
C HIS A 374 -6.99 -8.96 34.07
N TYR A 375 -8.12 -8.89 34.77
CA TYR A 375 -9.33 -9.54 34.29
C TYR A 375 -9.75 -8.90 32.98
N ARG A 376 -9.37 -7.64 32.79
CA ARG A 376 -9.70 -6.91 31.58
C ARG A 376 -9.06 -7.53 30.34
N LYS A 377 -8.42 -8.68 30.52
CA LYS A 377 -7.77 -9.37 29.42
C LYS A 377 -8.57 -10.55 28.92
N TYR A 378 -9.64 -10.89 29.61
CA TYR A 378 -10.44 -12.04 29.19
C TYR A 378 -11.21 -11.79 27.89
N SER A 379 -11.71 -10.57 27.70
CA SER A 379 -12.44 -10.27 26.48
C SER A 379 -11.55 -10.49 25.25
N ASP A 380 -10.29 -10.05 25.33
CA ASP A 380 -9.36 -10.22 24.22
C ASP A 380 -9.19 -11.72 23.95
N TYR A 381 -8.80 -12.47 24.98
CA TYR A 381 -8.55 -13.91 24.92
C TYR A 381 -9.64 -14.73 24.25
N ILE A 382 -10.82 -14.78 24.88
CA ILE A 382 -11.94 -15.53 24.33
C ILE A 382 -12.28 -15.10 22.91
N LYS A 383 -12.17 -13.79 22.65
CA LYS A 383 -12.46 -13.24 21.33
C LYS A 383 -11.55 -13.86 20.28
N GLY A 384 -10.70 -14.80 20.71
CA GLY A 384 -9.79 -15.46 19.81
C GLY A 384 -8.66 -14.55 19.36
N SER A 385 -7.53 -15.15 18.97
CA SER A 385 -6.38 -14.39 18.51
C SER A 385 -6.40 -14.33 16.98
N ASN A 386 -5.94 -13.20 16.44
CA ASN A 386 -5.91 -13.00 14.98
C ASN A 386 -4.88 -13.89 14.30
N LEU A 387 -5.19 -14.31 13.06
CA LEU A 387 -4.31 -15.16 12.29
C LEU A 387 -2.87 -14.68 12.15
N ASP A 388 -1.95 -15.63 12.14
CA ASP A 388 -0.52 -15.34 12.00
C ASP A 388 -0.21 -15.36 10.51
N ALA A 389 0.90 -14.74 10.13
CA ALA A 389 1.31 -14.70 8.73
C ALA A 389 1.44 -16.12 8.17
N PRO A 390 1.02 -16.32 6.92
CA PRO A 390 1.10 -17.64 6.28
C PRO A 390 2.56 -18.09 6.15
N GLU A 391 2.75 -19.30 5.67
CA GLU A 391 4.09 -19.81 5.47
C GLU A 391 4.55 -19.27 4.12
N PRO A 392 5.84 -18.93 3.99
CA PRO A 392 6.24 -18.42 2.68
C PRO A 392 6.13 -19.60 1.72
N TYR A 393 6.34 -19.37 0.43
CA TYR A 393 6.25 -20.41 -0.59
C TYR A 393 7.17 -21.61 -0.37
N ARG A 394 6.71 -22.79 -0.77
CA ARG A 394 7.54 -23.99 -0.72
C ARG A 394 8.37 -23.75 -1.98
N ILE A 395 9.64 -24.16 -1.97
CA ILE A 395 10.46 -23.97 -3.15
C ILE A 395 11.03 -25.30 -3.65
N GLY A 396 11.01 -25.49 -4.97
CA GLY A 396 11.53 -26.74 -5.48
C GLY A 396 12.07 -26.66 -6.89
N ARG A 397 13.07 -27.50 -7.17
CA ARG A 397 13.68 -27.57 -8.49
C ARG A 397 12.95 -28.60 -9.37
N ILE A 398 12.64 -28.19 -10.59
CA ILE A 398 11.94 -29.06 -11.53
C ILE A 398 12.86 -30.19 -11.97
N LYS A 399 12.48 -31.42 -11.67
CA LYS A 399 13.28 -32.57 -12.05
C LYS A 399 12.69 -33.18 -13.31
N GLU A 400 11.36 -33.17 -13.39
CA GLU A 400 10.64 -33.71 -14.54
C GLU A 400 9.35 -32.94 -14.81
N ILE A 401 8.98 -32.90 -16.08
CA ILE A 401 7.75 -32.25 -16.51
C ILE A 401 7.11 -33.34 -17.33
N PHE A 402 5.99 -33.88 -16.87
CA PHE A 402 5.34 -34.96 -17.59
C PHE A 402 3.83 -34.91 -17.62
N CYS A 403 3.28 -35.54 -18.65
CA CYS A 403 1.84 -35.64 -18.82
C CYS A 403 1.51 -37.12 -18.70
N PRO A 404 0.35 -37.45 -18.11
CA PRO A 404 -0.02 -38.85 -17.96
C PRO A 404 -0.15 -39.53 -19.32
N LYS A 405 -1.19 -40.33 -19.48
CA LYS A 405 -1.41 -41.03 -20.74
C LYS A 405 -2.92 -41.27 -20.87
N LYS A 406 -3.48 -40.85 -22.00
CA LYS A 406 -4.91 -41.01 -22.25
C LYS A 406 -5.31 -42.48 -22.21
N SER A 407 -6.62 -42.71 -22.15
CA SER A 407 -7.16 -44.07 -22.11
C SER A 407 -6.96 -44.78 -23.45
N ASN A 408 -5.92 -44.37 -24.20
CA ASN A 408 -5.63 -44.97 -25.49
C ASN A 408 -4.12 -45.10 -25.78
N GLY A 409 -3.35 -44.07 -25.46
CA GLY A 409 -1.93 -44.12 -25.71
C GLY A 409 -1.30 -42.78 -25.98
N ARG A 410 -2.11 -41.73 -26.00
CA ARG A 410 -1.62 -40.37 -26.23
C ARG A 410 -1.54 -39.58 -24.93
N PRO A 411 -0.53 -38.70 -24.81
CA PRO A 411 -0.32 -37.87 -23.62
C PRO A 411 -1.45 -36.89 -23.34
N ASN A 412 -1.84 -36.80 -22.07
CA ASN A 412 -2.90 -35.90 -21.66
C ASN A 412 -2.29 -34.54 -21.37
N GLU A 413 -2.70 -33.52 -22.11
CA GLU A 413 -2.17 -32.18 -21.93
C GLU A 413 -3.05 -31.35 -20.98
N THR A 414 -4.26 -31.80 -20.74
CA THR A 414 -5.16 -31.10 -19.84
C THR A 414 -4.67 -31.34 -18.42
N ASP A 415 -3.61 -32.13 -18.30
CA ASP A 415 -3.04 -32.46 -17.00
C ASP A 415 -1.52 -32.50 -17.06
N ILE A 416 -0.89 -31.40 -16.67
CA ILE A 416 0.57 -31.34 -16.69
C ILE A 416 1.07 -31.45 -15.26
N LYS A 417 2.05 -32.33 -15.04
CA LYS A 417 2.59 -32.54 -13.70
C LYS A 417 4.09 -32.26 -13.64
N ILE A 418 4.58 -32.02 -12.43
CA ILE A 418 5.98 -31.71 -12.21
C ILE A 418 6.54 -32.45 -10.99
N ARG A 419 7.69 -33.09 -11.16
CA ARG A 419 8.33 -33.79 -10.06
C ARG A 419 9.49 -32.89 -9.67
N VAL A 420 9.52 -32.46 -8.42
CA VAL A 420 10.58 -31.56 -7.97
C VAL A 420 11.39 -32.02 -6.78
N ASN A 421 12.48 -31.31 -6.55
CA ASN A 421 13.35 -31.55 -5.41
C ASN A 421 12.90 -30.53 -4.39
N LYS A 422 12.59 -30.99 -3.18
CA LYS A 422 12.15 -30.09 -2.13
C LYS A 422 13.37 -29.32 -1.62
N PHE A 423 13.25 -28.00 -1.52
CA PHE A 423 14.33 -27.21 -0.97
C PHE A 423 13.86 -26.93 0.45
N TYR A 424 14.79 -26.79 1.38
CA TYR A 424 14.46 -26.52 2.77
C TYR A 424 14.84 -25.09 3.14
N ARG A 425 14.01 -24.45 3.95
CA ARG A 425 14.34 -23.11 4.43
C ARG A 425 14.98 -23.45 5.78
N PRO A 426 15.91 -22.64 6.26
CA PRO A 426 16.52 -22.96 7.55
C PRO A 426 15.51 -23.33 8.62
N GLU A 427 14.41 -22.58 8.68
CA GLU A 427 13.36 -22.81 9.65
C GLU A 427 12.53 -24.07 9.37
N ASN A 428 12.80 -24.73 8.25
CA ASN A 428 12.09 -25.95 7.88
C ASN A 428 12.80 -27.17 8.44
N THR A 429 14.08 -27.03 8.80
CA THR A 429 14.86 -28.15 9.33
C THR A 429 14.51 -28.42 10.80
N HIS A 430 15.19 -29.38 11.42
CA HIS A 430 14.89 -29.68 12.81
C HIS A 430 15.23 -28.50 13.70
N LYS A 431 16.12 -27.63 13.21
CA LYS A 431 16.51 -26.46 13.99
C LYS A 431 15.33 -25.49 14.21
N SER A 432 14.31 -25.60 13.35
CA SER A 432 13.11 -24.78 13.43
C SER A 432 13.32 -23.27 13.24
N THR A 433 12.34 -22.49 13.68
CA THR A 433 12.33 -21.04 13.54
C THR A 433 13.61 -20.29 13.93
N PRO A 434 14.25 -20.68 15.05
CA PRO A 434 15.47 -20.00 15.47
C PRO A 434 16.54 -20.01 14.40
N ALA A 435 16.39 -20.94 13.45
CA ALA A 435 17.33 -21.05 12.35
C ALA A 435 17.23 -19.85 11.40
N SER A 436 16.11 -19.13 11.47
CA SER A 436 15.91 -17.98 10.59
C SER A 436 16.53 -16.69 11.08
N TYR A 437 16.75 -16.59 12.38
CA TYR A 437 17.31 -15.39 12.97
C TYR A 437 18.53 -14.81 12.25
N HIS A 438 19.58 -15.62 12.09
CA HIS A 438 20.80 -15.12 11.45
C HIS A 438 20.96 -15.51 9.97
N ALA A 439 20.05 -16.28 9.42
CA ALA A 439 20.19 -16.70 8.03
C ALA A 439 19.80 -15.64 7.00
N ASP A 440 20.45 -15.68 5.85
CA ASP A 440 20.08 -14.75 4.80
C ASP A 440 18.63 -15.14 4.51
N ILE A 441 17.79 -14.16 4.16
CA ILE A 441 16.40 -14.49 3.87
C ILE A 441 16.25 -15.41 2.67
N ASN A 442 17.23 -15.41 1.78
CA ASN A 442 17.15 -16.24 0.59
C ASN A 442 18.08 -17.44 0.62
N LEU A 443 18.43 -17.89 1.82
CA LEU A 443 19.27 -19.06 1.98
C LEU A 443 18.43 -20.33 2.01
N LEU A 444 18.82 -21.31 1.22
CA LEU A 444 18.10 -22.58 1.17
C LEU A 444 19.06 -23.74 1.36
N TYR A 445 18.51 -24.93 1.41
CA TYR A 445 19.31 -26.14 1.55
C TYR A 445 18.78 -27.11 0.52
N TRP A 446 19.69 -27.77 -0.19
CA TRP A 446 19.30 -28.73 -1.20
C TRP A 446 18.75 -29.95 -0.46
N SER A 447 17.97 -30.78 -1.16
CA SER A 447 17.41 -31.97 -0.54
C SER A 447 17.07 -33.01 -1.60
N ASP A 448 17.28 -34.28 -1.27
CA ASP A 448 16.99 -35.34 -2.20
C ASP A 448 15.54 -35.81 -2.06
N GLU A 449 14.75 -35.03 -1.32
CA GLU A 449 13.35 -35.37 -1.16
C GLU A 449 12.66 -34.93 -2.45
N GLU A 450 11.66 -35.69 -2.89
CA GLU A 450 10.96 -35.37 -4.11
C GLU A 450 9.45 -35.33 -3.88
N ALA A 451 8.77 -34.58 -4.73
CA ALA A 451 7.32 -34.46 -4.64
C ALA A 451 6.78 -34.28 -6.04
N VAL A 452 5.51 -34.65 -6.20
CA VAL A 452 4.84 -34.53 -7.47
C VAL A 452 3.62 -33.65 -7.27
N VAL A 453 3.51 -32.59 -8.06
CA VAL A 453 2.38 -31.68 -7.96
C VAL A 453 1.88 -31.32 -9.33
N ASP A 454 0.72 -30.68 -9.41
CA ASP A 454 0.18 -30.27 -10.70
C ASP A 454 0.84 -28.96 -11.14
N PHE A 455 1.31 -28.93 -12.37
CA PHE A 455 1.95 -27.73 -12.90
C PHE A 455 1.10 -26.51 -12.57
N LYS A 456 -0.21 -26.72 -12.54
CA LYS A 456 -1.17 -25.67 -12.25
C LYS A 456 -0.97 -25.01 -10.90
N ALA A 457 -0.45 -25.77 -9.94
CA ALA A 457 -0.22 -25.27 -8.58
C ALA A 457 0.97 -24.30 -8.48
N VAL A 458 1.84 -24.34 -9.48
CA VAL A 458 3.01 -23.47 -9.52
C VAL A 458 2.57 -22.01 -9.43
N GLN A 459 3.22 -21.26 -8.54
CA GLN A 459 2.92 -19.86 -8.33
C GLN A 459 3.81 -18.92 -9.10
N GLY A 460 4.96 -19.40 -9.51
CA GLY A 460 5.87 -18.55 -10.24
C GLY A 460 7.21 -19.23 -10.38
N ARG A 461 8.09 -18.62 -11.15
CA ARG A 461 9.41 -19.14 -11.40
C ARG A 461 10.42 -18.44 -10.50
N CYS A 462 11.47 -19.15 -10.12
CA CYS A 462 12.50 -18.54 -9.29
C CYS A 462 13.84 -19.16 -9.61
N THR A 463 14.89 -18.43 -9.28
CA THR A 463 16.24 -18.91 -9.53
C THR A 463 16.84 -19.40 -8.22
N VAL A 464 17.33 -20.62 -8.23
CA VAL A 464 17.95 -21.18 -7.04
C VAL A 464 19.28 -21.76 -7.52
N GLU A 465 20.38 -21.15 -7.08
CA GLU A 465 21.70 -21.59 -7.50
C GLU A 465 22.61 -22.03 -6.35
N TYR A 466 23.53 -22.94 -6.66
CA TYR A 466 24.51 -23.42 -5.70
C TYR A 466 25.47 -22.24 -5.57
N GLY A 467 25.54 -21.67 -4.38
CA GLY A 467 26.38 -20.51 -4.13
C GLY A 467 27.85 -20.54 -4.56
N GLU A 468 28.53 -21.65 -4.33
CA GLU A 468 29.94 -21.76 -4.67
C GLU A 468 30.26 -21.65 -6.17
N ASP A 469 29.28 -21.90 -7.02
CA ASP A 469 29.53 -21.81 -8.46
C ASP A 469 29.11 -20.49 -9.08
N LEU A 470 28.63 -19.55 -8.25
CA LEU A 470 28.21 -18.26 -8.76
C LEU A 470 29.41 -17.46 -9.27
N PRO A 471 29.20 -16.65 -10.33
CA PRO A 471 30.22 -15.81 -10.95
C PRO A 471 30.53 -14.55 -10.16
N GLU A 472 29.80 -14.34 -9.07
CA GLU A 472 30.02 -13.20 -8.19
C GLU A 472 29.62 -13.60 -6.78
N CYS A 473 29.83 -12.70 -5.82
CA CYS A 473 29.50 -13.01 -4.44
C CYS A 473 28.01 -13.08 -4.21
N VAL A 474 27.62 -13.70 -3.11
CA VAL A 474 26.22 -13.86 -2.76
C VAL A 474 25.44 -12.54 -2.72
N GLN A 475 26.00 -11.54 -2.04
CA GLN A 475 25.34 -10.24 -1.93
C GLN A 475 25.02 -9.57 -3.28
N VAL A 476 25.99 -9.54 -4.19
CA VAL A 476 25.78 -8.93 -5.50
C VAL A 476 24.70 -9.70 -6.26
N TYR A 477 24.69 -11.03 -6.09
CA TYR A 477 23.72 -11.90 -6.75
C TYR A 477 22.31 -11.68 -6.21
N SER A 478 22.21 -11.44 -4.90
CA SER A 478 20.93 -11.22 -4.22
C SER A 478 20.32 -9.84 -4.49
N MET A 479 21.16 -8.80 -4.51
CA MET A 479 20.68 -7.46 -4.78
C MET A 479 20.49 -7.27 -6.27
N GLY A 480 20.95 -8.26 -7.03
CA GLY A 480 20.89 -8.16 -8.48
C GLY A 480 19.62 -8.46 -9.24
N GLY A 481 18.68 -9.15 -8.63
CA GLY A 481 17.45 -9.47 -9.34
C GLY A 481 16.38 -10.09 -8.47
N PRO A 482 15.12 -10.06 -8.92
CA PRO A 482 14.03 -10.62 -8.13
C PRO A 482 14.01 -12.14 -8.09
N ASN A 483 13.35 -12.67 -7.06
CA ASN A 483 13.21 -14.11 -6.91
C ASN A 483 14.50 -14.92 -7.00
N ARG A 484 15.55 -14.46 -6.32
CA ARG A 484 16.82 -15.17 -6.32
C ARG A 484 17.15 -15.84 -4.99
N PHE A 485 17.41 -17.15 -5.04
CA PHE A 485 17.74 -17.94 -3.86
C PHE A 485 19.04 -18.69 -4.11
N TYR A 486 19.69 -19.12 -3.02
CA TYR A 486 20.94 -19.85 -3.14
C TYR A 486 21.13 -20.85 -2.01
N PHE A 487 21.99 -21.83 -2.24
CA PHE A 487 22.28 -22.85 -1.25
C PHE A 487 23.76 -23.22 -1.28
N LEU A 488 24.27 -23.68 -0.14
CA LEU A 488 25.68 -24.06 -0.05
C LEU A 488 25.80 -25.49 0.44
N GLU A 489 24.81 -25.94 1.20
CA GLU A 489 24.83 -27.28 1.73
C GLU A 489 23.51 -27.97 1.47
N ALA A 490 23.47 -29.27 1.66
CA ALA A 490 22.26 -30.05 1.47
C ALA A 490 21.81 -30.41 2.87
N TYR A 491 20.55 -30.83 3.01
CA TYR A 491 20.05 -31.21 4.31
C TYR A 491 19.46 -32.60 4.28
N ASN A 492 19.92 -33.44 5.21
CA ASN A 492 19.45 -34.80 5.31
C ASN A 492 18.56 -34.92 6.53
N ALA A 493 17.25 -34.96 6.32
CA ALA A 493 16.29 -35.03 7.41
C ALA A 493 16.43 -36.28 8.29
N LYS A 494 16.71 -37.43 7.66
CA LYS A 494 16.84 -38.67 8.41
C LYS A 494 17.93 -38.59 9.48
N SER A 495 19.11 -38.09 9.09
CA SER A 495 20.20 -37.98 10.04
C SER A 495 20.26 -36.58 10.67
N LYS A 496 19.39 -35.69 10.22
CA LYS A 496 19.36 -34.32 10.73
C LYS A 496 20.78 -33.76 10.69
N SER A 497 21.42 -33.93 9.53
CA SER A 497 22.80 -33.47 9.32
C SER A 497 22.94 -32.61 8.09
N PHE A 498 24.08 -31.93 8.00
CA PHE A 498 24.40 -31.04 6.89
C PHE A 498 25.62 -31.53 6.11
N GLU A 499 25.42 -31.80 4.82
CA GLU A 499 26.50 -32.28 3.99
C GLU A 499 26.60 -31.49 2.69
N ASP A 500 27.73 -31.61 2.00
CA ASP A 500 27.92 -30.92 0.73
C ASP A 500 26.84 -31.40 -0.22
N PRO A 501 26.45 -30.55 -1.18
CA PRO A 501 25.41 -30.94 -2.14
C PRO A 501 25.94 -31.95 -3.17
N PRO A 502 25.05 -32.80 -3.71
CA PRO A 502 25.46 -33.79 -4.70
C PRO A 502 25.95 -33.01 -5.91
N ASN A 503 26.45 -33.69 -6.93
CA ASN A 503 26.90 -32.97 -8.11
C ASN A 503 25.75 -32.70 -9.05
N HIS A 504 24.74 -33.57 -9.02
CA HIS A 504 23.58 -33.39 -9.89
C HIS A 504 22.74 -32.21 -9.42
N ALA A 505 23.18 -31.56 -8.36
CA ALA A 505 22.48 -30.41 -7.83
C ALA A 505 23.15 -29.12 -8.28
N ARG A 506 24.16 -29.24 -9.15
CA ARG A 506 24.86 -28.07 -9.65
C ARG A 506 24.54 -27.81 -11.11
N SER A 507 24.94 -26.65 -11.60
CA SER A 507 24.69 -26.26 -12.98
C SER A 507 26.02 -26.25 -13.75
N PRO A 508 25.97 -26.40 -15.08
CA PRO A 508 24.78 -26.58 -15.92
C PRO A 508 24.25 -28.01 -15.90
N GLU A 531 17.92 -17.20 -23.56
CA GLU A 531 18.48 -15.97 -24.10
C GLU A 531 18.90 -15.02 -22.98
N PRO A 532 20.10 -15.22 -22.45
CA PRO A 532 20.62 -14.38 -21.36
C PRO A 532 21.71 -13.42 -21.85
N GLU A 533 21.41 -12.12 -21.79
CA GLU A 533 22.35 -11.09 -22.23
C GLU A 533 23.03 -10.42 -21.04
N ILE A 534 22.90 -9.11 -20.93
CA ILE A 534 23.50 -8.35 -19.84
C ILE A 534 22.49 -7.55 -19.03
N GLU A 535 23.00 -6.67 -18.17
CA GLU A 535 22.15 -5.84 -17.32
C GLU A 535 22.24 -4.39 -17.78
N ILE A 536 21.41 -4.04 -18.77
CA ILE A 536 21.37 -2.70 -19.31
C ILE A 536 21.02 -1.70 -18.20
N LYS A 537 21.74 -0.58 -18.17
CA LYS A 537 21.50 0.43 -17.15
C LYS A 537 21.16 1.80 -17.72
N LEU A 538 19.86 2.08 -17.86
CA LEU A 538 19.39 3.35 -18.38
C LEU A 538 19.78 4.46 -17.42
N PRO A 539 19.82 5.71 -17.90
CA PRO A 539 20.18 6.81 -17.01
C PRO A 539 19.03 7.12 -16.03
N LYS A 540 19.37 7.69 -14.88
CA LYS A 540 18.38 8.03 -13.87
C LYS A 540 17.51 9.21 -14.30
N LEU A 541 16.25 9.20 -13.87
CA LEU A 541 15.31 10.28 -14.20
C LEU A 541 15.44 11.41 -13.20
N ARG A 542 15.56 12.64 -13.69
CA ARG A 542 15.66 13.81 -12.80
C ARG A 542 14.33 13.92 -12.07
N THR A 543 14.37 13.78 -10.74
CA THR A 543 13.14 13.78 -9.97
C THR A 543 12.87 14.94 -9.02
N LEU A 544 11.64 15.47 -9.09
CA LEU A 544 11.19 16.55 -8.21
C LEU A 544 10.27 15.91 -7.17
N ASP A 545 10.69 15.93 -5.90
CA ASP A 545 9.93 15.33 -4.80
C ASP A 545 9.28 16.40 -3.94
N VAL A 546 7.94 16.53 -4.00
CA VAL A 546 7.22 17.55 -3.21
C VAL A 546 6.70 17.00 -1.88
N PHE A 547 6.79 17.80 -0.82
CA PHE A 547 6.40 17.34 0.51
C PHE A 547 7.36 16.18 0.74
N SER A 548 8.64 16.43 0.53
CA SER A 548 9.68 15.43 0.66
C SER A 548 9.96 14.86 2.04
N GLY A 549 9.62 15.59 3.10
CA GLY A 549 9.91 15.08 4.43
C GLY A 549 11.41 14.85 4.47
N CYS A 550 11.90 13.98 5.34
CA CYS A 550 13.35 13.74 5.40
C CYS A 550 13.87 12.94 4.22
N GLY A 551 12.98 12.40 3.38
CA GLY A 551 13.44 11.67 2.21
C GLY A 551 13.18 10.19 1.99
N GLY A 552 12.43 9.53 2.87
CA GLY A 552 12.16 8.11 2.69
C GLY A 552 11.86 7.68 1.28
N LEU A 553 10.85 8.31 0.67
CA LEU A 553 10.42 8.00 -0.68
C LEU A 553 11.55 8.11 -1.71
N SER A 554 12.31 9.19 -1.64
CA SER A 554 13.42 9.40 -2.56
C SER A 554 14.54 8.38 -2.33
N GLU A 555 14.78 8.05 -1.07
CA GLU A 555 15.82 7.07 -0.74
C GLU A 555 15.50 5.74 -1.45
N GLY A 556 14.26 5.27 -1.29
CA GLY A 556 13.87 4.01 -1.91
C GLY A 556 13.91 4.08 -3.43
N PHE A 557 13.48 5.20 -4.00
CA PHE A 557 13.51 5.37 -5.44
C PHE A 557 14.96 5.31 -5.90
N HIS A 558 15.82 6.04 -5.19
CA HIS A 558 17.23 6.05 -5.54
C HIS A 558 17.78 4.63 -5.44
N GLN A 559 17.36 3.91 -4.41
CA GLN A 559 17.82 2.53 -4.23
C GLN A 559 17.38 1.63 -5.38
N ALA A 560 16.26 1.97 -6.01
CA ALA A 560 15.74 1.21 -7.14
C ALA A 560 16.55 1.55 -8.39
N GLY A 561 17.35 2.60 -8.29
CA GLY A 561 18.18 3.01 -9.41
C GLY A 561 17.45 3.63 -10.58
N ILE A 562 16.33 4.30 -10.31
CA ILE A 562 15.58 4.92 -11.40
C ILE A 562 15.60 6.45 -11.30
N SER A 563 16.02 6.97 -10.15
CA SER A 563 15.97 8.41 -9.99
C SER A 563 17.12 9.14 -9.33
N ASP A 564 17.09 10.46 -9.50
CA ASP A 564 18.02 11.41 -8.92
C ASP A 564 17.20 12.62 -8.58
N THR A 565 16.81 12.71 -7.32
CA THR A 565 16.00 13.81 -6.84
C THR A 565 16.84 15.08 -6.85
N LEU A 566 16.74 15.84 -7.94
CA LEU A 566 17.49 17.08 -8.07
C LEU A 566 16.78 18.23 -7.39
N TRP A 567 15.46 18.11 -7.22
CA TRP A 567 14.66 19.16 -6.61
C TRP A 567 13.68 18.64 -5.56
N ALA A 568 13.63 19.28 -4.40
CA ALA A 568 12.74 18.86 -3.33
C ALA A 568 12.04 20.04 -2.66
N ILE A 569 10.84 19.80 -2.13
CA ILE A 569 10.13 20.86 -1.46
C ILE A 569 9.64 20.37 -0.11
N GLU A 570 10.10 21.01 0.96
CA GLU A 570 9.72 20.63 2.31
C GLU A 570 9.64 21.87 3.19
N MET A 571 8.43 22.32 3.47
CA MET A 571 8.22 23.52 4.27
C MET A 571 8.71 23.45 5.72
N TRP A 572 8.72 22.25 6.30
CA TRP A 572 9.17 22.07 7.67
C TRP A 572 10.69 21.98 7.65
N ASP A 573 11.34 22.98 8.26
CA ASP A 573 12.80 23.07 8.26
C ASP A 573 13.63 21.84 8.67
N PRO A 574 13.44 21.33 9.90
CA PRO A 574 14.22 20.16 10.31
C PRO A 574 14.26 19.04 9.26
N ALA A 575 13.09 18.66 8.76
CA ALA A 575 13.00 17.61 7.76
C ALA A 575 13.70 18.03 6.47
N ALA A 576 13.61 19.32 6.16
CA ALA A 576 14.24 19.83 4.95
C ALA A 576 15.77 19.78 5.09
N GLN A 577 16.26 19.98 6.30
CA GLN A 577 17.71 19.94 6.56
C GLN A 577 18.21 18.53 6.35
N ALA A 578 17.44 17.58 6.88
CA ALA A 578 17.76 16.16 6.77
C ALA A 578 17.81 15.73 5.30
N PHE A 579 16.86 16.20 4.49
CA PHE A 579 16.89 15.82 3.09
C PHE A 579 18.19 16.31 2.46
N ARG A 580 18.63 17.50 2.87
CA ARG A 580 19.87 18.06 2.36
C ARG A 580 21.04 17.14 2.74
N LEU A 581 21.14 16.78 4.01
CA LEU A 581 22.22 15.91 4.45
C LEU A 581 22.36 14.64 3.62
N ASN A 582 21.26 13.98 3.31
CA ASN A 582 21.33 12.74 2.55
C ASN A 582 21.44 12.91 1.04
N ASN A 583 21.12 14.09 0.53
CA ASN A 583 21.20 14.34 -0.92
C ASN A 583 21.98 15.63 -1.16
N PRO A 584 23.31 15.56 -1.03
CA PRO A 584 24.13 16.75 -1.22
C PRO A 584 23.96 17.39 -2.61
N GLY A 585 23.68 16.57 -3.61
CA GLY A 585 23.52 17.11 -4.95
C GLY A 585 22.16 17.66 -5.31
N SER A 586 21.26 17.80 -4.34
CA SER A 586 19.91 18.30 -4.63
C SER A 586 19.62 19.74 -4.16
N THR A 587 18.58 20.33 -4.75
CA THR A 587 18.18 21.70 -4.41
C THR A 587 16.91 21.68 -3.55
N VAL A 588 17.07 21.86 -2.25
CA VAL A 588 15.94 21.84 -1.33
C VAL A 588 15.27 23.18 -1.04
N PHE A 589 13.99 23.29 -1.41
CA PHE A 589 13.18 24.49 -1.21
C PHE A 589 12.40 24.36 0.09
N THR A 590 12.71 25.21 1.06
CA THR A 590 12.04 25.19 2.36
C THR A 590 10.93 26.24 2.41
N GLU A 591 9.92 26.07 1.55
CA GLU A 591 8.83 27.02 1.46
C GLU A 591 7.55 26.36 0.93
N ASP A 592 6.41 27.00 1.17
CA ASP A 592 5.13 26.49 0.71
C ASP A 592 5.28 26.12 -0.79
N CYS A 593 4.92 24.90 -1.14
CA CYS A 593 5.04 24.44 -2.54
C CYS A 593 4.29 25.33 -3.52
N ASN A 594 3.37 26.13 -3.00
CA ASN A 594 2.57 27.03 -3.81
C ASN A 594 3.31 28.24 -4.33
N ILE A 595 4.30 28.72 -3.59
CA ILE A 595 5.00 29.91 -4.04
C ILE A 595 5.96 29.61 -5.19
N LEU A 596 6.69 28.50 -5.11
CA LEU A 596 7.63 28.15 -6.17
C LEU A 596 6.96 27.95 -7.51
N LEU A 597 5.85 27.22 -7.51
CA LEU A 597 5.12 26.96 -8.74
C LEU A 597 4.60 28.24 -9.38
N LYS A 598 4.20 29.20 -8.57
CA LYS A 598 3.69 30.46 -9.10
C LYS A 598 4.81 31.21 -9.81
N LEU A 599 6.02 31.13 -9.24
CA LEU A 599 7.19 31.77 -9.81
C LEU A 599 7.50 31.22 -11.20
N VAL A 600 7.71 29.92 -11.28
CA VAL A 600 8.01 29.30 -12.56
C VAL A 600 6.91 29.60 -13.57
N MET A 601 5.67 29.67 -13.11
CA MET A 601 4.55 29.94 -14.01
C MET A 601 4.57 31.38 -14.50
N ALA A 602 5.14 32.27 -13.70
CA ALA A 602 5.23 33.68 -14.04
C ALA A 602 6.50 33.93 -14.86
N GLY A 603 7.34 32.90 -14.99
CA GLY A 603 8.55 33.06 -15.77
C GLY A 603 9.83 33.15 -14.96
N GLU A 604 9.71 33.21 -13.64
CA GLU A 604 10.92 33.30 -12.82
C GLU A 604 11.82 32.08 -13.06
N THR A 605 13.13 32.29 -12.95
CA THR A 605 14.09 31.21 -13.16
C THR A 605 14.86 30.91 -11.89
N THR A 606 14.76 31.81 -10.93
CA THR A 606 15.44 31.65 -9.65
C THR A 606 14.51 32.19 -8.60
N ASN A 607 14.87 32.05 -7.34
CA ASN A 607 14.02 32.55 -6.27
C ASN A 607 14.78 33.53 -5.39
N SER A 608 14.07 34.12 -4.45
CA SER A 608 14.66 35.09 -3.52
C SER A 608 15.96 34.59 -2.88
N ARG A 609 15.99 33.32 -2.48
CA ARG A 609 17.19 32.75 -1.84
C ARG A 609 18.32 32.53 -2.85
N GLY A 610 18.04 32.72 -4.13
CA GLY A 610 19.06 32.54 -5.15
C GLY A 610 19.20 31.12 -5.67
N GLN A 611 18.12 30.36 -5.56
CA GLN A 611 18.11 28.97 -6.01
C GLN A 611 17.49 28.85 -7.41
N ARG A 612 18.02 27.92 -8.21
CA ARG A 612 17.50 27.74 -9.56
C ARG A 612 16.23 26.87 -9.60
N LEU A 613 15.13 27.48 -10.03
CA LEU A 613 13.84 26.81 -10.14
C LEU A 613 13.78 25.84 -11.33
N PRO A 614 13.20 24.66 -11.12
CA PRO A 614 13.07 23.64 -12.18
C PRO A 614 12.08 24.09 -13.26
N GLN A 615 12.42 23.85 -14.53
CA GLN A 615 11.56 24.25 -15.64
C GLN A 615 11.12 23.04 -16.45
N LYS A 616 10.09 23.22 -17.30
CA LYS A 616 9.62 22.15 -18.14
C LYS A 616 10.84 21.52 -18.81
N GLY A 617 10.89 20.19 -18.81
CA GLY A 617 12.01 19.51 -19.41
C GLY A 617 13.01 19.10 -18.36
N ASP A 618 13.00 19.80 -17.24
CA ASP A 618 13.93 19.50 -16.15
C ASP A 618 13.41 18.35 -15.29
N VAL A 619 12.08 18.32 -15.13
CA VAL A 619 11.43 17.28 -14.33
C VAL A 619 10.99 16.10 -15.19
N GLU A 620 11.58 14.93 -14.96
CA GLU A 620 11.21 13.74 -15.72
C GLU A 620 10.27 12.86 -14.88
N MET A 621 10.33 13.05 -13.57
CA MET A 621 9.49 12.31 -12.64
C MET A 621 9.10 13.18 -11.45
N LEU A 622 7.82 13.12 -11.08
CA LEU A 622 7.29 13.89 -9.96
C LEU A 622 6.66 12.96 -8.93
N CYS A 623 7.18 13.02 -7.71
CA CYS A 623 6.64 12.19 -6.65
C CYS A 623 6.32 13.03 -5.43
N GLY A 624 5.49 12.51 -4.54
CA GLY A 624 5.16 13.27 -3.35
C GLY A 624 3.98 12.73 -2.57
N GLY A 625 3.83 13.23 -1.34
CA GLY A 625 2.74 12.82 -0.48
C GLY A 625 2.09 14.04 0.16
N PRO A 626 1.16 14.71 -0.54
CA PRO A 626 0.51 15.89 0.05
C PRO A 626 -0.43 15.58 1.24
N PRO A 627 -0.34 16.38 2.31
CA PRO A 627 -1.18 16.21 3.51
C PRO A 627 -2.64 16.46 3.17
N CYS A 628 -3.55 15.75 3.84
CA CYS A 628 -4.96 15.90 3.58
C CYS A 628 -5.71 16.50 4.77
N GLN A 629 -4.94 17.12 5.67
CA GLN A 629 -5.51 17.75 6.85
C GLN A 629 -6.68 18.65 6.43
N GLY A 630 -7.80 18.48 7.10
CA GLY A 630 -8.95 19.30 6.77
C GLY A 630 -10.10 18.52 6.17
N PHE A 631 -9.78 17.46 5.43
CA PHE A 631 -10.80 16.65 4.80
C PHE A 631 -10.47 15.17 4.95
N SER A 632 -10.12 14.79 6.17
N SER A 632 -10.12 14.79 6.17
CA SER A 632 -9.77 13.41 6.51
CA SER A 632 -9.77 13.40 6.49
C SER A 632 -10.96 12.55 6.89
C SER A 632 -10.97 12.55 6.87
N GLY A 633 -12.15 13.15 6.90
CA GLY A 633 -13.35 12.40 7.26
C GLY A 633 -13.98 11.65 6.10
N MET A 634 -14.79 10.65 6.42
CA MET A 634 -15.47 9.85 5.41
C MET A 634 -16.76 10.53 4.92
N ASN A 635 -17.36 11.35 5.78
CA ASN A 635 -18.60 12.03 5.43
C ASN A 635 -18.46 12.87 4.15
N ARG A 636 -19.55 12.93 3.39
CA ARG A 636 -19.57 13.64 2.12
C ARG A 636 -19.10 15.09 2.19
N PHE A 637 -18.60 15.58 1.06
CA PHE A 637 -18.12 16.95 0.96
C PHE A 637 -19.23 17.94 1.23
N ASN A 638 -18.83 19.14 1.59
CA ASN A 638 -19.75 20.21 1.90
C ASN A 638 -19.43 21.35 0.94
N SER A 639 -20.34 22.31 0.79
CA SER A 639 -20.09 23.44 -0.09
C SER A 639 -18.90 24.21 0.45
N ARG A 640 -18.80 24.26 1.78
CA ARG A 640 -17.73 24.98 2.45
C ARG A 640 -16.50 24.13 2.56
N THR A 641 -16.68 22.87 2.96
CA THR A 641 -15.57 21.94 3.12
C THR A 641 -14.85 21.65 1.82
N TYR A 642 -15.53 21.86 0.69
CA TYR A 642 -14.93 21.63 -0.62
C TYR A 642 -14.17 22.85 -1.13
N SER A 643 -14.69 24.05 -0.84
CA SER A 643 -14.02 25.27 -1.28
C SER A 643 -12.62 25.33 -0.71
N LYS A 644 -12.39 24.58 0.36
CA LYS A 644 -11.08 24.54 1.00
C LYS A 644 -10.23 23.43 0.41
N PHE A 645 -10.84 22.31 0.05
CA PHE A 645 -10.13 21.19 -0.56
C PHE A 645 -9.69 21.69 -1.92
N LYS A 646 -10.54 22.51 -2.52
CA LYS A 646 -10.32 23.09 -3.83
C LYS A 646 -9.02 23.89 -3.83
N ASN A 647 -8.54 24.24 -2.63
CA ASN A 647 -7.30 25.00 -2.47
C ASN A 647 -6.28 24.22 -1.65
N SER A 648 -6.52 22.92 -1.50
CA SER A 648 -5.64 22.05 -0.71
C SER A 648 -4.34 21.71 -1.42
N LEU A 649 -3.43 21.08 -0.71
CA LEU A 649 -2.15 20.69 -1.27
C LEU A 649 -2.29 19.59 -2.33
N VAL A 650 -3.42 18.90 -2.33
CA VAL A 650 -3.62 17.88 -3.35
C VAL A 650 -3.80 18.56 -4.70
N VAL A 651 -4.59 19.64 -4.72
CA VAL A 651 -4.80 20.37 -5.95
C VAL A 651 -3.47 21.00 -6.37
N SER A 652 -2.69 21.48 -5.42
CA SER A 652 -1.41 22.08 -5.76
C SER A 652 -0.48 21.05 -6.39
N PHE A 653 -0.48 19.83 -5.82
CA PHE A 653 0.36 18.75 -6.33
C PHE A 653 -0.06 18.37 -7.75
N LEU A 654 -1.36 18.31 -7.99
CA LEU A 654 -1.83 17.96 -9.32
C LEU A 654 -1.41 19.07 -10.28
N SER A 655 -1.40 20.32 -9.79
CA SER A 655 -0.99 21.45 -10.62
C SER A 655 0.45 21.27 -11.08
N TYR A 656 1.30 20.79 -10.17
CA TYR A 656 2.69 20.54 -10.51
C TYR A 656 2.76 19.50 -11.62
N CYS A 657 2.01 18.43 -11.43
CA CYS A 657 1.97 17.35 -12.41
C CYS A 657 1.54 17.87 -13.78
N ASP A 658 0.47 18.66 -13.79
CA ASP A 658 -0.03 19.19 -15.04
C ASP A 658 0.98 20.08 -15.74
N TYR A 659 1.54 21.04 -15.00
CA TYR A 659 2.51 21.96 -15.56
C TYR A 659 3.80 21.32 -16.11
N TYR A 660 4.51 20.54 -15.29
CA TYR A 660 5.75 19.88 -15.71
C TYR A 660 5.60 18.66 -16.64
N ARG A 661 4.39 18.09 -16.69
CA ARG A 661 4.08 16.91 -17.53
C ARG A 661 5.20 15.86 -17.50
N PRO A 662 5.63 15.44 -16.29
CA PRO A 662 6.69 14.45 -16.16
C PRO A 662 6.32 13.11 -16.79
N ARG A 663 7.31 12.25 -16.97
CA ARG A 663 7.07 10.93 -17.56
C ARG A 663 6.31 10.00 -16.62
N PHE A 664 6.63 10.09 -15.33
CA PHE A 664 6.00 9.26 -14.32
C PHE A 664 5.61 10.09 -13.11
N PHE A 665 4.39 9.85 -12.63
CA PHE A 665 3.85 10.59 -11.50
C PHE A 665 3.55 9.63 -10.38
N LEU A 666 3.89 10.02 -9.16
CA LEU A 666 3.65 9.18 -8.00
C LEU A 666 3.07 10.00 -6.84
N LEU A 667 1.87 9.65 -6.42
CA LEU A 667 1.22 10.31 -5.29
C LEU A 667 0.97 9.26 -4.18
N GLU A 668 1.67 9.37 -3.07
CA GLU A 668 1.49 8.43 -1.95
C GLU A 668 0.71 9.12 -0.85
N ASN A 669 -0.02 8.34 -0.06
CA ASN A 669 -0.80 8.92 1.02
C ASN A 669 -1.25 7.82 1.96
N VAL A 670 -2.01 8.21 2.98
CA VAL A 670 -2.53 7.23 3.94
C VAL A 670 -3.56 6.39 3.18
N ARG A 671 -3.73 5.16 3.61
CA ARG A 671 -4.67 4.26 2.95
C ARG A 671 -6.01 4.95 2.72
N ASN A 672 -6.54 5.60 3.75
CA ASN A 672 -7.85 6.25 3.62
C ASN A 672 -8.00 7.35 2.59
N PHE A 673 -6.92 7.65 1.88
CA PHE A 673 -6.96 8.65 0.84
C PHE A 673 -8.03 8.17 -0.15
N VAL A 674 -8.07 6.86 -0.38
CA VAL A 674 -9.06 6.32 -1.30
C VAL A 674 -10.50 6.44 -0.82
N SER A 675 -10.73 6.77 0.46
CA SER A 675 -12.09 6.88 1.01
C SER A 675 -12.56 8.28 1.44
N PHE A 676 -11.65 9.11 1.91
CA PHE A 676 -12.00 10.46 2.35
C PHE A 676 -13.14 11.07 1.52
N LYS A 677 -14.11 11.70 2.20
CA LYS A 677 -15.21 12.38 1.52
C LYS A 677 -15.95 11.55 0.47
N ARG A 678 -16.39 10.36 0.83
CA ARG A 678 -17.11 9.52 -0.13
C ARG A 678 -16.28 9.23 -1.36
N SER A 679 -14.97 9.11 -1.18
CA SER A 679 -14.04 8.82 -2.27
C SER A 679 -13.95 9.91 -3.34
N MET A 680 -14.56 11.06 -3.10
CA MET A 680 -14.49 12.15 -4.06
C MET A 680 -13.05 12.64 -4.19
N VAL A 681 -12.28 12.55 -3.10
CA VAL A 681 -10.89 12.97 -3.17
C VAL A 681 -10.14 12.05 -4.13
N LEU A 682 -10.45 10.76 -4.12
CA LEU A 682 -9.77 9.85 -5.02
C LEU A 682 -10.27 10.00 -6.47
N LYS A 683 -11.56 10.19 -6.63
CA LYS A 683 -12.13 10.31 -7.95
C LYS A 683 -11.76 11.61 -8.65
N LEU A 684 -11.69 12.70 -7.90
CA LEU A 684 -11.31 13.97 -8.52
C LEU A 684 -9.84 13.97 -8.92
N THR A 685 -8.99 13.28 -8.16
CA THR A 685 -7.56 13.18 -8.45
C THR A 685 -7.34 12.38 -9.74
N LEU A 686 -8.08 11.29 -9.90
CA LEU A 686 -7.96 10.47 -11.10
C LEU A 686 -8.56 11.25 -12.26
N ARG A 687 -9.71 11.86 -12.00
CA ARG A 687 -10.43 12.64 -12.99
C ARG A 687 -9.52 13.71 -13.58
N CYS A 688 -8.77 14.37 -12.72
CA CYS A 688 -7.86 15.44 -13.12
C CYS A 688 -6.69 14.89 -13.95
N LEU A 689 -6.23 13.70 -13.61
CA LEU A 689 -5.13 13.09 -14.36
C LEU A 689 -5.61 12.63 -15.73
N VAL A 690 -6.77 12.00 -15.78
CA VAL A 690 -7.33 11.55 -17.04
C VAL A 690 -7.47 12.75 -17.99
N ARG A 691 -7.91 13.89 -17.45
N ARG A 691 -7.91 13.88 -17.45
CA ARG A 691 -8.10 15.10 -18.24
CA ARG A 691 -8.09 15.07 -18.27
C ARG A 691 -6.78 15.60 -18.79
C ARG A 691 -6.77 15.56 -18.84
N MET A 692 -5.69 15.31 -18.09
CA MET A 692 -4.35 15.72 -18.53
C MET A 692 -3.86 14.81 -19.63
N GLY A 693 -4.55 13.69 -19.85
CA GLY A 693 -4.13 12.74 -20.86
C GLY A 693 -3.16 11.69 -20.32
N TYR A 694 -3.02 11.64 -19.00
CA TYR A 694 -2.13 10.68 -18.36
C TYR A 694 -2.77 9.30 -18.24
N GLN A 695 -1.92 8.29 -18.14
CA GLN A 695 -2.39 6.93 -17.94
C GLN A 695 -2.35 6.94 -16.43
N CYS A 696 -3.32 6.33 -15.79
CA CYS A 696 -3.30 6.33 -14.34
C CYS A 696 -4.07 5.19 -13.71
N THR A 697 -3.70 4.89 -12.48
CA THR A 697 -4.35 3.86 -11.71
C THR A 697 -4.08 4.19 -10.24
N PHE A 698 -4.62 3.36 -9.35
CA PHE A 698 -4.41 3.57 -7.92
C PHE A 698 -4.45 2.22 -7.24
N GLY A 699 -3.86 2.15 -6.04
CA GLY A 699 -3.87 0.90 -5.30
C GLY A 699 -3.46 1.08 -3.85
N VAL A 700 -3.67 0.04 -3.05
CA VAL A 700 -3.27 0.11 -1.65
C VAL A 700 -2.20 -0.96 -1.38
N LEU A 701 -1.11 -0.54 -0.75
CA LEU A 701 -0.03 -1.46 -0.42
C LEU A 701 0.22 -1.53 1.08
N GLN A 702 0.68 -2.69 1.55
CA GLN A 702 1.00 -2.90 2.96
C GLN A 702 2.52 -2.93 3.00
N ALA A 703 3.12 -2.05 3.79
CA ALA A 703 4.58 -1.97 3.88
C ALA A 703 5.22 -3.26 4.38
N GLY A 704 4.57 -3.93 5.33
CA GLY A 704 5.10 -5.17 5.86
C GLY A 704 5.37 -6.24 4.81
N GLN A 705 4.61 -6.18 3.73
CA GLN A 705 4.78 -7.14 2.66
C GLN A 705 6.04 -6.84 1.85
N TYR A 706 6.74 -5.76 2.19
CA TYR A 706 7.95 -5.46 1.44
C TYR A 706 9.21 -5.40 2.27
N GLY A 707 9.21 -6.06 3.42
CA GLY A 707 10.43 -6.11 4.19
C GLY A 707 10.60 -5.41 5.51
N VAL A 708 9.55 -4.81 6.06
CA VAL A 708 9.70 -4.15 7.35
C VAL A 708 8.79 -4.81 8.37
N ALA A 709 9.23 -4.83 9.62
CA ALA A 709 8.46 -5.43 10.70
C ALA A 709 7.49 -4.37 11.20
N GLN A 710 6.71 -3.80 10.29
CA GLN A 710 5.79 -2.77 10.69
C GLN A 710 4.53 -2.86 9.86
N THR A 711 3.41 -2.50 10.46
CA THR A 711 2.15 -2.50 9.73
C THR A 711 1.90 -1.05 9.29
N ARG A 712 1.67 -0.86 8.00
CA ARG A 712 1.45 0.48 7.48
C ARG A 712 0.92 0.39 6.06
N ARG A 713 -0.33 0.75 5.87
CA ARG A 713 -0.89 0.71 4.53
C ARG A 713 -0.83 2.10 3.92
N ARG A 714 -0.45 2.16 2.64
CA ARG A 714 -0.36 3.41 1.93
C ARG A 714 -1.17 3.34 0.66
N ALA A 715 -1.83 4.46 0.33
CA ALA A 715 -2.60 4.54 -0.90
C ALA A 715 -1.57 4.98 -1.95
N ILE A 716 -1.69 4.46 -3.16
CA ILE A 716 -0.76 4.80 -4.21
C ILE A 716 -1.44 5.11 -5.54
N ILE A 717 -1.19 6.31 -6.07
CA ILE A 717 -1.75 6.72 -7.34
C ILE A 717 -0.59 6.83 -8.32
N LEU A 718 -0.63 6.03 -9.38
CA LEU A 718 0.41 6.03 -10.40
C LEU A 718 -0.10 6.65 -11.68
N ALA A 719 0.67 7.54 -12.28
CA ALA A 719 0.26 8.13 -13.53
C ALA A 719 1.48 8.03 -14.44
N ALA A 720 1.24 7.88 -15.74
CA ALA A 720 2.35 7.78 -16.70
C ALA A 720 2.00 8.46 -18.02
N ALA A 721 3.00 9.12 -18.60
CA ALA A 721 2.85 9.85 -19.87
C ALA A 721 2.28 8.97 -20.99
N PRO A 722 1.57 9.59 -21.94
CA PRO A 722 0.96 8.91 -23.09
C PRO A 722 1.85 7.89 -23.81
N GLY A 723 3.13 8.23 -23.97
CA GLY A 723 4.03 7.33 -24.65
C GLY A 723 4.80 6.40 -23.73
N GLU A 724 4.31 6.22 -22.51
CA GLU A 724 4.98 5.36 -21.54
C GLU A 724 4.16 4.11 -21.28
N LYS A 725 4.73 3.21 -20.49
CA LYS A 725 4.07 1.99 -20.11
C LYS A 725 3.62 2.23 -18.65
N LEU A 726 2.33 2.19 -18.39
CA LEU A 726 1.82 2.41 -17.03
C LEU A 726 2.34 1.31 -16.12
N PRO A 727 3.10 1.69 -15.07
CA PRO A 727 3.63 0.66 -14.16
C PRO A 727 2.53 -0.18 -13.49
N LEU A 728 2.97 -1.28 -12.90
CA LEU A 728 2.09 -2.21 -12.17
C LEU A 728 2.48 -2.04 -10.72
N PHE A 729 1.61 -2.44 -9.81
CA PHE A 729 1.95 -2.34 -8.40
C PHE A 729 2.88 -3.51 -8.08
N PRO A 730 3.78 -3.33 -7.09
CA PRO A 730 4.72 -4.37 -6.69
C PRO A 730 4.09 -5.58 -6.02
N GLU A 731 4.41 -6.75 -6.56
CA GLU A 731 3.94 -8.02 -6.04
C GLU A 731 4.63 -8.16 -4.67
N PRO A 732 3.88 -8.54 -3.61
CA PRO A 732 4.44 -8.71 -2.26
C PRO A 732 5.70 -9.59 -2.22
N LEU A 733 6.63 -9.24 -1.33
CA LEU A 733 7.88 -9.99 -1.19
C LEU A 733 7.89 -10.85 0.05
N HIS A 734 7.30 -10.35 1.13
CA HIS A 734 7.26 -11.08 2.39
C HIS A 734 5.83 -11.39 2.87
N VAL A 735 5.66 -12.55 3.50
CA VAL A 735 4.35 -12.91 4.04
C VAL A 735 4.15 -12.01 5.26
N PHE A 736 2.91 -11.60 5.50
CA PHE A 736 2.63 -10.71 6.61
C PHE A 736 1.23 -11.05 7.11
N ALA A 737 0.92 -10.63 8.33
CA ALA A 737 -0.40 -10.91 8.91
C ALA A 737 -1.54 -10.51 7.98
N PRO A 738 -2.45 -11.46 7.69
CA PRO A 738 -3.61 -11.29 6.81
C PRO A 738 -4.49 -10.10 7.12
N ARG A 739 -4.86 -9.95 8.39
CA ARG A 739 -5.73 -8.84 8.78
C ARG A 739 -5.15 -7.48 8.40
N ALA A 740 -3.83 -7.42 8.28
CA ALA A 740 -3.16 -6.17 7.92
C ALA A 740 -3.01 -6.04 6.40
N CYS A 741 -3.44 -7.05 5.66
CA CYS A 741 -3.30 -7.05 4.23
C CYS A 741 -4.60 -6.95 3.44
N GLN A 742 -5.59 -6.28 3.99
CA GLN A 742 -6.85 -6.10 3.26
C GLN A 742 -6.54 -4.91 2.37
N LEU A 743 -6.28 -5.19 1.09
CA LEU A 743 -5.89 -4.17 0.12
C LEU A 743 -6.97 -3.62 -0.79
N SER A 744 -8.09 -4.33 -0.90
CA SER A 744 -9.16 -3.89 -1.79
C SER A 744 -9.77 -2.55 -1.40
N VAL A 745 -10.49 -1.95 -2.34
CA VAL A 745 -11.12 -0.65 -2.12
C VAL A 745 -12.49 -0.58 -2.79
N VAL A 746 -13.44 0.05 -2.11
CA VAL A 746 -14.76 0.20 -2.66
C VAL A 746 -15.03 1.66 -2.95
N VAL A 747 -15.44 1.94 -4.19
CA VAL A 747 -15.78 3.29 -4.61
C VAL A 747 -17.15 3.15 -5.26
N ASP A 748 -18.12 3.92 -4.77
CA ASP A 748 -19.48 3.88 -5.29
C ASP A 748 -19.99 2.45 -5.54
N ASP A 749 -19.80 1.58 -4.57
CA ASP A 749 -20.25 0.19 -4.67
C ASP A 749 -19.57 -0.70 -5.69
N LYS A 750 -18.38 -0.31 -6.14
CA LYS A 750 -17.62 -1.11 -7.09
C LYS A 750 -16.34 -1.48 -6.35
N LYS A 751 -15.95 -2.74 -6.39
CA LYS A 751 -14.73 -3.13 -5.70
C LYS A 751 -13.54 -3.13 -6.64
N PHE A 752 -12.45 -2.49 -6.21
CA PHE A 752 -11.25 -2.44 -7.03
C PHE A 752 -10.07 -3.07 -6.30
N VAL A 753 -9.22 -3.74 -7.04
CA VAL A 753 -8.04 -4.39 -6.48
C VAL A 753 -6.90 -3.99 -7.39
N SER A 754 -5.67 -4.34 -7.06
CA SER A 754 -4.56 -4.00 -7.94
C SER A 754 -4.25 -5.26 -8.71
N ASN A 755 -3.14 -5.26 -9.44
CA ASN A 755 -2.72 -6.41 -10.22
C ASN A 755 -2.13 -7.50 -9.32
N ILE A 756 -1.90 -7.17 -8.05
CA ILE A 756 -1.31 -8.14 -7.12
C ILE A 756 -1.97 -9.53 -7.17
N THR A 757 -1.17 -10.56 -7.41
CA THR A 757 -1.67 -11.94 -7.46
C THR A 757 -1.28 -12.79 -6.26
N ARG A 758 -0.29 -12.34 -5.49
CA ARG A 758 0.15 -13.07 -4.30
C ARG A 758 -0.72 -12.69 -3.12
N LEU A 759 -1.78 -13.45 -2.90
CA LEU A 759 -2.69 -13.15 -1.82
C LEU A 759 -2.58 -14.03 -0.56
N SER A 760 -1.89 -15.17 -0.68
CA SER A 760 -1.75 -16.07 0.47
C SER A 760 -0.31 -16.24 0.92
N SER A 761 0.59 -16.54 -0.01
CA SER A 761 1.97 -16.71 0.37
C SER A 761 2.89 -15.74 -0.37
N GLY A 762 4.17 -15.78 -0.02
CA GLY A 762 5.13 -14.91 -0.65
C GLY A 762 6.49 -15.58 -0.68
N PRO A 763 7.49 -14.97 -1.32
CA PRO A 763 8.83 -15.54 -1.39
C PRO A 763 9.60 -15.59 -0.08
N PHE A 764 9.51 -14.52 0.70
CA PHE A 764 10.27 -14.42 1.95
C PHE A 764 9.50 -14.39 3.25
N ARG A 765 10.12 -14.92 4.30
CA ARG A 765 9.50 -14.96 5.61
C ARG A 765 9.31 -13.52 6.09
N THR A 766 8.37 -13.31 7.02
CA THR A 766 8.12 -11.97 7.52
C THR A 766 9.29 -11.49 8.39
N ILE A 767 9.51 -10.17 8.39
CA ILE A 767 10.56 -9.52 9.16
C ILE A 767 9.99 -9.14 10.53
N THR A 768 10.66 -9.55 11.59
CA THR A 768 10.19 -9.30 12.95
C THR A 768 10.92 -8.20 13.69
N VAL A 769 10.42 -7.89 14.88
CA VAL A 769 11.06 -6.86 15.70
C VAL A 769 12.49 -7.29 15.96
N ARG A 770 12.67 -8.58 16.21
CA ARG A 770 14.00 -9.16 16.45
C ARG A 770 14.92 -8.86 15.27
N ASP A 771 14.43 -9.08 14.05
CA ASP A 771 15.20 -8.81 12.83
C ASP A 771 15.59 -7.32 12.79
N THR A 772 14.71 -6.50 13.35
CA THR A 772 14.86 -5.06 13.34
C THR A 772 15.82 -4.38 14.30
N MET A 773 15.88 -4.88 15.53
CA MET A 773 16.74 -4.24 16.53
C MET A 773 17.39 -5.13 17.57
N SER A 774 17.50 -6.43 17.30
CA SER A 774 18.09 -7.35 18.27
C SER A 774 19.56 -7.06 18.51
N ASP A 775 20.20 -6.36 17.57
CA ASP A 775 21.62 -6.03 17.66
C ASP A 775 21.95 -4.73 18.39
N LEU A 776 20.94 -3.90 18.63
CA LEU A 776 21.17 -2.62 19.27
C LEU A 776 21.58 -2.72 20.72
N PRO A 777 22.60 -1.96 21.12
CA PRO A 777 23.15 -1.92 22.48
C PRO A 777 22.07 -1.40 23.40
N GLU A 778 21.97 -2.02 24.58
CA GLU A 778 20.99 -1.60 25.56
C GLU A 778 21.22 -0.17 26.04
N VAL A 779 20.19 0.66 25.94
CA VAL A 779 20.27 2.04 26.39
C VAL A 779 19.20 2.23 27.44
N ARG A 780 19.22 3.37 28.11
CA ARG A 780 18.27 3.63 29.16
C ARG A 780 17.25 4.73 28.82
N ASN A 781 16.20 4.82 29.63
CA ASN A 781 15.18 5.83 29.45
C ASN A 781 15.90 7.18 29.47
N GLY A 782 15.66 7.99 28.45
CA GLY A 782 16.31 9.29 28.38
C GLY A 782 17.65 9.33 27.65
N ALA A 783 18.00 8.23 26.98
CA ALA A 783 19.26 8.18 26.25
C ALA A 783 19.39 9.42 25.36
N SER A 784 20.57 10.03 25.39
CA SER A 784 20.80 11.23 24.60
C SER A 784 22.12 11.22 23.83
N ALA A 785 22.94 10.19 24.04
CA ALA A 785 24.21 10.10 23.34
C ALA A 785 23.95 9.97 21.83
N LEU A 786 24.19 11.05 21.09
CA LEU A 786 23.95 11.05 19.65
C LEU A 786 24.83 10.12 18.83
N GLU A 787 25.92 9.63 19.43
CA GLU A 787 26.83 8.74 18.73
C GLU A 787 27.53 7.74 19.64
N ILE A 788 27.11 6.49 19.56
CA ILE A 788 27.68 5.43 20.38
C ILE A 788 28.16 4.26 19.55
N SER A 789 28.78 3.30 20.22
CA SER A 789 29.29 2.11 19.55
C SER A 789 28.17 1.11 19.37
N TYR A 790 28.28 0.29 18.32
CA TYR A 790 27.29 -0.75 18.06
C TYR A 790 27.57 -1.85 19.07
N ASN A 791 28.81 -1.84 19.57
CA ASN A 791 29.29 -2.82 20.54
C ASN A 791 28.87 -4.23 20.19
N GLY A 792 29.20 -4.64 18.97
CA GLY A 792 28.85 -5.97 18.53
C GLY A 792 28.61 -6.03 17.03
N GLU A 793 28.43 -7.25 16.53
CA GLU A 793 28.19 -7.48 15.12
C GLU A 793 26.69 -7.56 14.80
N PRO A 794 26.33 -7.37 13.52
CA PRO A 794 24.92 -7.44 13.15
C PRO A 794 24.50 -8.88 13.41
N GLN A 795 23.22 -9.12 13.59
CA GLN A 795 22.73 -10.47 13.84
C GLN A 795 21.82 -11.01 12.75
N SER A 796 20.85 -10.21 12.33
CA SER A 796 19.92 -10.63 11.31
C SER A 796 20.36 -10.21 9.92
N TRP A 797 19.76 -10.83 8.91
CA TRP A 797 20.04 -10.49 7.53
C TRP A 797 19.67 -9.01 7.40
N PHE A 798 18.51 -8.67 7.97
CA PHE A 798 17.99 -7.30 7.95
C PHE A 798 19.03 -6.32 8.49
N GLN A 799 19.61 -6.68 9.62
CA GLN A 799 20.61 -5.83 10.25
C GLN A 799 21.82 -5.67 9.35
N ARG A 800 22.23 -6.76 8.69
CA ARG A 800 23.37 -6.73 7.79
C ARG A 800 23.15 -5.70 6.69
N GLN A 801 21.93 -5.67 6.17
CA GLN A 801 21.58 -4.74 5.10
C GLN A 801 21.54 -3.29 5.56
N LEU A 802 21.00 -3.07 6.76
CA LEU A 802 20.88 -1.71 7.28
C LEU A 802 22.13 -1.06 7.85
N ARG A 803 23.06 -1.85 8.38
CA ARG A 803 24.27 -1.23 8.91
C ARG A 803 25.20 -0.86 7.77
N GLY A 804 24.97 -1.47 6.62
CA GLY A 804 25.76 -1.19 5.43
C GLY A 804 27.22 -1.60 5.49
N ALA A 805 27.99 -1.01 4.58
CA ALA A 805 29.42 -1.25 4.46
C ALA A 805 30.13 0.02 4.88
N GLN A 806 29.86 0.44 6.11
CA GLN A 806 30.44 1.65 6.67
C GLN A 806 31.85 1.32 7.17
N TYR A 807 32.84 2.07 6.70
CA TYR A 807 34.22 1.85 7.12
C TYR A 807 34.29 1.84 8.64
N GLN A 808 34.09 3.01 9.25
CA GLN A 808 34.10 3.12 10.70
C GLN A 808 32.64 3.21 11.15
N PRO A 809 31.98 2.05 11.32
CA PRO A 809 30.58 2.01 11.74
C PRO A 809 30.28 2.79 13.02
N ILE A 810 29.28 3.66 12.94
CA ILE A 810 28.85 4.46 14.09
C ILE A 810 27.33 4.31 14.25
N LEU A 811 26.90 3.88 15.42
CA LEU A 811 25.46 3.73 15.68
C LEU A 811 24.89 5.10 16.05
N ARG A 812 24.16 5.72 15.14
CA ARG A 812 23.58 7.03 15.40
C ARG A 812 22.13 7.05 15.86
N ASP A 813 21.77 8.14 16.53
CA ASP A 813 20.43 8.40 17.06
C ASP A 813 19.75 7.32 17.91
N HIS A 814 20.53 6.47 18.56
CA HIS A 814 19.93 5.44 19.42
C HIS A 814 19.63 6.13 20.75
N ILE A 815 18.73 7.10 20.68
CA ILE A 815 18.31 7.90 21.81
C ILE A 815 16.80 7.77 21.96
N CYS A 816 16.29 7.94 23.17
CA CYS A 816 14.86 7.84 23.38
C CYS A 816 14.33 8.79 24.45
N LYS A 817 13.09 9.23 24.26
CA LYS A 817 12.47 10.16 25.20
C LYS A 817 12.74 9.83 26.66
N ASP A 818 12.86 10.88 27.45
CA ASP A 818 13.11 10.77 28.89
C ASP A 818 11.76 10.86 29.59
N MET A 819 11.26 9.71 30.04
CA MET A 819 9.97 9.64 30.72
C MET A 819 10.03 10.02 32.20
N SER A 820 8.94 10.59 32.72
CA SER A 820 8.84 10.98 34.11
C SER A 820 9.12 9.80 35.02
N ALA A 821 9.51 10.11 36.26
CA ALA A 821 9.84 9.09 37.25
C ALA A 821 8.70 8.12 37.51
N LEU A 822 7.48 8.59 37.25
CA LEU A 822 6.32 7.76 37.47
C LEU A 822 6.11 6.83 36.29
N VAL A 823 6.23 7.37 35.08
CA VAL A 823 6.05 6.60 33.86
C VAL A 823 7.12 5.53 33.76
N ALA A 824 8.34 5.92 34.13
CA ALA A 824 9.45 4.99 34.09
C ALA A 824 9.12 3.81 34.99
N ALA A 825 8.62 4.11 36.19
CA ALA A 825 8.28 3.06 37.15
C ALA A 825 7.27 2.11 36.54
N ARG A 826 6.30 2.66 35.82
CA ARG A 826 5.27 1.82 35.20
C ARG A 826 5.91 0.87 34.22
N MET A 827 6.76 1.41 33.37
CA MET A 827 7.42 0.61 32.36
C MET A 827 8.17 -0.57 32.93
N ARG A 828 8.99 -0.36 33.96
CA ARG A 828 9.76 -1.48 34.51
C ARG A 828 8.89 -2.53 35.19
N HIS A 829 7.61 -2.22 35.37
CA HIS A 829 6.71 -3.17 35.98
C HIS A 829 5.79 -3.85 34.99
N ILE A 830 6.05 -3.67 33.70
CA ILE A 830 5.25 -4.35 32.69
C ILE A 830 6.00 -5.62 32.36
N PRO A 831 5.39 -6.79 32.60
CA PRO A 831 6.04 -8.07 32.31
C PRO A 831 6.63 -8.11 30.91
N LEU A 832 7.57 -9.03 30.73
CA LEU A 832 8.23 -9.20 29.44
C LEU A 832 7.50 -10.23 28.60
N ALA A 833 6.54 -10.91 29.23
CA ALA A 833 5.76 -11.92 28.55
C ALA A 833 5.06 -11.32 27.34
N PRO A 834 5.03 -12.05 26.22
CA PRO A 834 4.38 -11.56 25.00
C PRO A 834 2.98 -11.04 25.23
N GLY A 835 2.74 -9.81 24.79
CA GLY A 835 1.42 -9.22 24.91
C GLY A 835 1.09 -8.62 26.26
N SER A 836 2.10 -8.14 26.97
CA SER A 836 1.89 -7.54 28.27
C SER A 836 1.61 -6.06 28.10
N ASP A 837 0.70 -5.53 28.92
CA ASP A 837 0.39 -4.11 28.87
C ASP A 837 -0.07 -3.64 30.25
N TRP A 838 -0.57 -2.41 30.33
CA TRP A 838 -1.02 -1.83 31.59
C TRP A 838 -1.90 -2.73 32.44
N ARG A 839 -2.66 -3.59 31.79
CA ARG A 839 -3.54 -4.50 32.49
C ARG A 839 -2.77 -5.51 33.32
N ASP A 840 -1.45 -5.49 33.19
CA ASP A 840 -0.59 -6.40 33.92
C ASP A 840 0.10 -5.73 35.09
N LEU A 841 -0.04 -4.43 35.21
CA LEU A 841 0.60 -3.71 36.31
C LEU A 841 0.13 -4.23 37.68
N PRO A 842 1.03 -4.24 38.67
CA PRO A 842 0.69 -4.71 40.02
C PRO A 842 0.20 -3.49 40.82
N ASN A 843 -0.88 -3.65 41.58
CA ASN A 843 -1.34 -2.50 42.35
C ASN A 843 -0.56 -2.45 43.66
N ILE A 844 0.60 -1.80 43.60
CA ILE A 844 1.47 -1.72 44.76
C ILE A 844 2.07 -0.34 44.92
N GLU A 845 2.48 -0.06 46.15
CA GLU A 845 3.09 1.21 46.50
C GLU A 845 4.52 1.18 45.97
N VAL A 846 4.97 2.28 45.37
CA VAL A 846 6.33 2.31 44.83
C VAL A 846 7.02 3.65 45.00
N ARG A 847 8.28 3.58 45.44
CA ARG A 847 9.10 4.77 45.64
C ARG A 847 9.60 5.13 44.24
N LEU A 848 9.66 6.41 43.92
CA LEU A 848 10.11 6.82 42.59
C LEU A 848 11.51 7.41 42.56
N SER A 849 12.08 7.45 41.36
CA SER A 849 13.42 7.99 41.12
C SER A 849 13.59 9.41 41.63
N ASP A 850 12.48 10.13 41.79
CA ASP A 850 12.51 11.51 42.26
C ASP A 850 12.36 11.58 43.79
N GLY A 851 11.88 10.49 44.38
CA GLY A 851 11.71 10.47 45.82
C GLY A 851 10.29 10.34 46.33
N THR A 852 9.32 10.82 45.55
CA THR A 852 7.92 10.72 45.96
C THR A 852 7.48 9.26 45.94
N MET A 853 6.37 8.98 46.61
CA MET A 853 5.86 7.61 46.68
C MET A 853 4.60 7.44 45.81
N ALA A 854 4.51 6.32 45.10
CA ALA A 854 3.35 6.04 44.26
C ALA A 854 2.37 5.26 45.11
N ARG A 855 1.19 5.83 45.33
CA ARG A 855 0.17 5.19 46.13
C ARG A 855 -0.53 4.08 45.36
N LYS A 856 -1.38 3.33 46.03
CA LYS A 856 -2.14 2.25 45.40
C LYS A 856 -3.39 2.83 44.77
N LEU A 857 -3.92 2.12 43.77
CA LEU A 857 -5.14 2.52 43.11
C LEU A 857 -6.22 2.00 44.05
N ARG A 858 -7.21 2.83 44.33
CA ARG A 858 -8.29 2.41 45.20
C ARG A 858 -9.59 2.19 44.42
N TYR A 859 -10.18 1.01 44.56
CA TYR A 859 -11.43 0.74 43.88
C TYR A 859 -12.55 1.20 44.81
N THR A 860 -13.11 2.35 44.49
CA THR A 860 -14.14 3.00 45.28
C THR A 860 -15.61 2.75 44.92
N HIS A 861 -15.88 2.42 43.67
CA HIS A 861 -17.27 2.20 43.28
C HIS A 861 -17.51 0.82 42.70
N HIS A 862 -18.71 0.29 42.92
CA HIS A 862 -19.04 -1.03 42.41
C HIS A 862 -19.58 -0.98 40.98
N ASP A 863 -18.78 -1.48 40.05
CA ASP A 863 -19.14 -1.52 38.65
C ASP A 863 -19.93 -2.81 38.44
N ARG A 864 -21.25 -2.68 38.33
CA ARG A 864 -22.13 -3.83 38.14
C ARG A 864 -21.88 -4.59 36.82
N LYS A 865 -21.24 -3.95 35.85
CA LYS A 865 -20.96 -4.60 34.58
C LYS A 865 -19.77 -5.54 34.69
N ASN A 866 -18.69 -5.06 35.28
CA ASN A 866 -17.48 -5.86 35.44
C ASN A 866 -17.44 -6.71 36.71
N GLY A 867 -18.51 -6.66 37.49
CA GLY A 867 -18.57 -7.44 38.73
C GLY A 867 -17.52 -7.09 39.77
N ARG A 868 -17.16 -8.07 40.60
CA ARG A 868 -16.16 -7.89 41.65
C ARG A 868 -15.03 -8.89 41.39
N SER A 869 -13.91 -8.73 42.09
CA SER A 869 -12.78 -9.65 41.94
C SER A 869 -13.09 -10.91 42.72
N SER A 870 -12.28 -11.94 42.54
CA SER A 870 -12.48 -13.20 43.23
C SER A 870 -12.56 -13.08 44.75
N SER A 871 -11.76 -12.17 45.30
CA SER A 871 -11.72 -11.95 46.74
C SER A 871 -12.92 -11.12 47.20
N GLY A 872 -13.51 -10.38 46.27
CA GLY A 872 -14.67 -9.56 46.58
C GLY A 872 -14.40 -8.07 46.41
N ALA A 873 -13.29 -7.72 45.79
CA ALA A 873 -12.96 -6.32 45.61
C ALA A 873 -13.76 -5.63 44.52
N LEU A 874 -14.08 -4.36 44.74
CA LEU A 874 -14.83 -3.60 43.76
C LEU A 874 -13.89 -3.35 42.58
N ARG A 875 -14.45 -2.94 41.44
CA ARG A 875 -13.65 -2.69 40.26
C ARG A 875 -13.81 -1.30 39.65
N GLY A 876 -14.80 -0.55 40.13
CA GLY A 876 -15.02 0.78 39.59
C GLY A 876 -14.16 1.81 40.30
N VAL A 877 -13.89 2.92 39.64
CA VAL A 877 -13.07 3.96 40.23
C VAL A 877 -13.70 5.35 40.16
N CYS A 878 -14.98 5.39 39.81
CA CYS A 878 -15.72 6.65 39.72
C CYS A 878 -17.21 6.38 39.80
N SER A 879 -18.00 7.44 39.94
CA SER A 879 -19.45 7.31 40.05
C SER A 879 -20.12 6.82 38.76
N CYS A 880 -19.53 7.17 37.62
CA CYS A 880 -20.09 6.79 36.32
C CYS A 880 -20.35 5.30 36.13
N VAL A 881 -19.69 4.46 36.91
CA VAL A 881 -19.92 3.03 36.77
C VAL A 881 -21.30 2.71 37.34
N GLU A 882 -21.98 3.75 37.81
CA GLU A 882 -23.31 3.60 38.38
C GLU A 882 -24.40 3.80 37.32
N ALA A 883 -25.66 3.90 37.77
CA ALA A 883 -26.80 4.10 36.87
C ALA A 883 -26.83 5.51 36.29
N GLY A 884 -26.17 5.70 35.15
CA GLY A 884 -26.14 7.00 34.50
C GLY A 884 -25.40 8.09 35.27
N LYS A 885 -25.21 7.89 36.57
CA LYS A 885 -24.55 8.85 37.46
C LYS A 885 -23.42 9.64 36.81
N ALA A 886 -23.14 10.81 37.37
CA ALA A 886 -22.10 11.70 36.87
C ALA A 886 -20.74 11.30 37.44
N CYS A 887 -19.72 12.11 37.15
CA CYS A 887 -18.38 11.84 37.63
C CYS A 887 -18.02 12.71 38.83
N ASP A 888 -18.01 12.13 40.02
CA ASP A 888 -17.64 12.89 41.21
C ASP A 888 -16.19 13.34 41.00
N PRO A 889 -15.99 14.64 40.72
CA PRO A 889 -14.65 15.20 40.50
C PRO A 889 -13.63 14.82 41.56
N ALA A 890 -14.11 14.47 42.75
CA ALA A 890 -13.23 14.10 43.85
C ALA A 890 -12.80 12.64 43.82
N ALA A 891 -13.38 11.89 42.90
CA ALA A 891 -13.08 10.46 42.75
C ALA A 891 -11.79 10.21 41.98
N ARG A 892 -11.26 11.25 41.34
CA ARG A 892 -10.02 11.09 40.59
C ARG A 892 -8.85 10.88 41.52
N GLN A 893 -7.93 10.00 41.11
CA GLN A 893 -6.75 9.70 41.90
C GLN A 893 -5.49 10.05 41.11
N PHE A 894 -4.39 10.31 41.80
CA PHE A 894 -3.15 10.66 41.13
C PHE A 894 -1.96 9.85 41.61
N ASN A 895 -0.95 9.79 40.75
CA ASN A 895 0.28 9.06 41.03
C ASN A 895 0.08 7.64 41.53
N THR A 896 -0.69 6.87 40.77
CA THR A 896 -0.92 5.47 41.06
C THR A 896 -0.22 4.69 39.95
N LEU A 897 0.47 3.61 40.31
CA LEU A 897 1.17 2.81 39.31
C LEU A 897 0.20 2.53 38.16
N ILE A 898 -0.97 2.00 38.50
CA ILE A 898 -2.00 1.73 37.51
C ILE A 898 -2.69 3.07 37.25
N PRO A 899 -2.58 3.62 36.02
CA PRO A 899 -3.23 4.90 35.74
C PRO A 899 -4.74 4.86 35.99
N TRP A 900 -5.20 5.74 36.86
CA TRP A 900 -6.62 5.82 37.21
C TRP A 900 -7.51 5.97 35.97
N CYS A 901 -7.08 6.79 35.03
CA CYS A 901 -7.86 7.03 33.82
C CYS A 901 -8.17 5.77 33.01
N LEU A 902 -7.28 4.79 32.99
CA LEU A 902 -7.56 3.60 32.20
C LEU A 902 -8.74 2.75 32.68
N PRO A 903 -8.83 2.47 34.00
CA PRO A 903 -9.99 1.67 34.40
C PRO A 903 -11.21 2.59 34.40
N HIS A 904 -10.94 3.89 34.52
CA HIS A 904 -12.01 4.88 34.54
C HIS A 904 -12.86 4.83 33.28
N THR A 905 -12.22 4.76 32.13
CA THR A 905 -12.93 4.73 30.85
C THR A 905 -12.73 3.42 30.11
N GLY A 906 -12.10 2.47 30.78
CA GLY A 906 -11.81 1.18 30.19
C GLY A 906 -12.94 0.48 29.43
N ASN A 907 -14.10 0.33 30.07
CA ASN A 907 -15.21 -0.37 29.43
C ASN A 907 -15.66 0.23 28.09
N ARG A 908 -15.29 1.47 27.84
CA ARG A 908 -15.67 2.13 26.58
C ARG A 908 -14.54 2.34 25.59
N HIS A 909 -13.53 1.48 25.64
CA HIS A 909 -12.39 1.57 24.74
C HIS A 909 -11.71 0.22 24.66
N ASN A 910 -12.53 -0.83 24.78
CA ASN A 910 -12.04 -2.20 24.71
C ASN A 910 -10.87 -2.43 25.71
N HIS A 911 -11.01 -1.86 26.90
CA HIS A 911 -10.03 -1.99 27.98
C HIS A 911 -8.66 -1.42 27.64
N TRP A 912 -8.65 -0.47 26.72
CA TRP A 912 -7.42 0.20 26.29
C TRP A 912 -6.28 -0.74 26.01
N ALA A 913 -6.58 -1.90 25.43
CA ALA A 913 -5.57 -2.90 25.10
C ALA A 913 -4.42 -2.27 24.31
N GLY A 914 -3.19 -2.55 24.74
CA GLY A 914 -2.04 -2.01 24.04
C GLY A 914 -1.31 -0.88 24.74
N LEU A 915 -2.02 -0.11 25.57
CA LEU A 915 -1.37 0.99 26.27
C LEU A 915 -0.35 0.44 27.27
N TYR A 916 0.84 1.03 27.26
CA TYR A 916 1.95 0.58 28.10
C TYR A 916 2.35 -0.85 27.70
N GLY A 917 1.90 -1.26 26.51
CA GLY A 917 2.21 -2.58 26.00
C GLY A 917 3.60 -2.64 25.39
N ARG A 918 4.21 -3.83 25.42
CA ARG A 918 5.56 -4.02 24.88
C ARG A 918 5.51 -4.66 23.51
N LEU A 919 6.45 -4.27 22.64
CA LEU A 919 6.54 -4.86 21.31
C LEU A 919 6.99 -6.31 21.58
N GLU A 920 6.64 -7.22 20.70
CA GLU A 920 7.03 -8.62 20.87
C GLU A 920 8.12 -8.97 19.85
N TRP A 921 9.19 -9.63 20.32
CA TRP A 921 10.30 -9.99 19.43
C TRP A 921 9.82 -10.69 18.16
N ASP A 922 8.77 -11.50 18.28
CA ASP A 922 8.26 -12.21 17.11
C ASP A 922 7.23 -11.39 16.31
N GLY A 923 6.86 -10.24 16.85
CA GLY A 923 5.87 -9.42 16.16
C GLY A 923 6.41 -8.31 15.28
N PHE A 924 5.58 -7.28 15.12
CA PHE A 924 5.95 -6.12 14.30
C PHE A 924 5.51 -4.82 14.98
N PHE A 925 6.05 -3.71 14.50
CA PHE A 925 5.72 -2.40 15.01
C PHE A 925 4.34 -2.07 14.46
N SER A 926 3.66 -1.11 15.08
CA SER A 926 2.39 -0.64 14.58
C SER A 926 2.85 0.52 13.69
N THR A 927 1.97 1.13 12.91
CA THR A 927 2.40 2.24 12.05
C THR A 927 3.33 3.11 12.86
N THR A 928 4.63 3.02 12.58
CA THR A 928 5.65 3.79 13.29
C THR A 928 5.15 5.14 13.81
N VAL A 929 5.13 5.28 15.13
CA VAL A 929 4.67 6.52 15.76
C VAL A 929 5.57 7.71 15.49
N THR A 930 4.98 8.89 15.49
CA THR A 930 5.73 10.12 15.24
C THR A 930 6.24 10.72 16.53
N ASN A 931 5.70 10.23 17.65
CA ASN A 931 6.08 10.70 18.97
C ASN A 931 5.59 9.69 20.01
N PRO A 932 6.36 8.60 20.21
CA PRO A 932 6.01 7.54 21.15
C PRO A 932 5.54 7.95 22.54
N GLU A 933 4.31 7.55 22.85
CA GLU A 933 3.68 7.82 24.14
C GLU A 933 2.96 6.55 24.56
N PRO A 934 3.25 6.06 25.78
CA PRO A 934 2.68 4.84 26.39
C PRO A 934 1.16 4.81 26.47
N MET A 935 0.56 5.97 26.70
CA MET A 935 -0.88 6.05 26.81
C MET A 935 -1.51 6.64 25.56
N GLY A 936 -0.69 6.77 24.52
CA GLY A 936 -1.18 7.32 23.27
C GLY A 936 -1.97 6.26 22.52
N LYS A 937 -3.15 6.63 22.06
CA LYS A 937 -3.99 5.70 21.32
C LYS A 937 -3.13 4.84 20.39
N GLN A 938 -2.56 5.47 19.38
CA GLN A 938 -1.72 4.80 18.40
C GLN A 938 -0.50 4.13 19.00
N GLY A 939 -0.31 4.30 20.31
CA GLY A 939 0.88 3.77 20.98
C GLY A 939 1.03 2.48 21.78
N ARG A 940 1.77 1.55 21.19
CA ARG A 940 2.17 0.25 21.76
C ARG A 940 3.65 0.46 21.51
N VAL A 941 4.32 1.15 22.43
CA VAL A 941 5.69 1.51 22.20
C VAL A 941 6.80 1.14 23.16
N LEU A 942 6.57 0.26 24.12
CA LEU A 942 7.66 -0.08 25.02
C LEU A 942 8.59 -1.11 24.37
N HIS A 943 9.89 -1.01 24.66
CA HIS A 943 10.87 -1.94 24.10
C HIS A 943 10.54 -3.35 24.59
N PRO A 944 10.86 -4.38 23.80
CA PRO A 944 10.56 -5.76 24.21
C PRO A 944 11.01 -6.16 25.60
N GLU A 945 12.22 -5.75 25.99
CA GLU A 945 12.77 -6.12 27.29
C GLU A 945 13.22 -4.95 28.15
N GLN A 946 13.83 -3.93 27.54
CA GLN A 946 14.30 -2.77 28.28
C GLN A 946 13.13 -1.91 28.72
N HIS A 947 13.27 -1.23 29.86
CA HIS A 947 12.20 -0.40 30.39
C HIS A 947 12.26 1.02 29.88
N ARG A 948 11.92 1.18 28.61
CA ARG A 948 11.95 2.45 27.93
C ARG A 948 11.06 2.37 26.71
N VAL A 949 10.84 3.50 26.04
CA VAL A 949 10.06 3.49 24.83
C VAL A 949 11.10 3.31 23.73
N VAL A 950 10.67 2.88 22.54
CA VAL A 950 11.58 2.66 21.43
C VAL A 950 12.37 3.93 21.10
N SER A 951 13.65 3.77 20.73
CA SER A 951 14.49 4.91 20.40
C SER A 951 14.27 5.39 18.96
N VAL A 952 14.80 6.58 18.64
CA VAL A 952 14.67 7.14 17.31
C VAL A 952 15.21 6.16 16.26
N ARG A 953 16.39 5.61 16.53
CA ARG A 953 17.02 4.66 15.62
C ARG A 953 16.16 3.40 15.44
N GLU A 954 15.63 2.87 16.54
CA GLU A 954 14.82 1.68 16.42
C GLU A 954 13.62 1.97 15.51
N CYS A 955 13.06 3.16 15.63
CA CYS A 955 11.93 3.55 14.81
C CYS A 955 12.34 3.65 13.34
N ALA A 956 13.56 4.12 13.09
CA ALA A 956 14.06 4.25 11.73
C ALA A 956 14.29 2.84 11.16
N ARG A 957 14.65 1.90 12.04
CA ARG A 957 14.87 0.51 11.61
C ARG A 957 13.52 -0.06 11.17
N SER A 958 12.46 0.23 11.93
CA SER A 958 11.13 -0.25 11.61
C SER A 958 10.63 0.29 10.28
N GLN A 959 11.21 1.40 9.84
CA GLN A 959 10.84 2.02 8.58
C GLN A 959 11.73 1.55 7.42
N GLY A 960 12.78 0.81 7.74
CA GLY A 960 13.67 0.34 6.69
C GLY A 960 14.72 1.33 6.23
N PHE A 961 15.03 2.32 7.07
CA PHE A 961 16.06 3.32 6.75
C PHE A 961 17.45 2.76 7.00
N PRO A 962 18.39 3.00 6.08
CA PRO A 962 19.74 2.49 6.31
C PRO A 962 20.25 3.16 7.59
N ASP A 963 21.06 2.46 8.36
CA ASP A 963 21.61 3.03 9.59
C ASP A 963 22.46 4.26 9.32
N THR A 964 22.87 4.43 8.07
CA THR A 964 23.69 5.58 7.70
C THR A 964 22.83 6.77 7.28
N TYR A 965 21.50 6.60 7.30
CA TYR A 965 20.64 7.70 6.91
C TYR A 965 20.59 8.76 8.00
N ARG A 966 20.95 9.99 7.63
CA ARG A 966 21.00 11.10 8.57
C ARG A 966 19.66 11.80 8.84
N LEU A 967 19.43 12.12 10.11
CA LEU A 967 18.22 12.82 10.56
C LEU A 967 18.70 14.16 11.13
N PHE A 968 17.80 15.12 11.28
CA PHE A 968 18.20 16.43 11.79
C PHE A 968 17.21 17.10 12.75
N GLY A 969 17.73 17.63 13.86
CA GLY A 969 16.89 18.31 14.82
C GLY A 969 16.93 17.70 16.20
N ASN A 970 15.96 18.06 17.02
CA ASN A 970 15.87 17.53 18.38
C ASN A 970 15.20 16.18 18.33
N ILE A 971 15.28 15.43 19.43
CA ILE A 971 14.71 14.11 19.48
C ILE A 971 13.27 14.02 18.99
N LEU A 972 12.41 14.94 19.41
CA LEU A 972 11.03 14.89 18.95
C LEU A 972 10.97 15.17 17.45
N ASP A 973 11.88 16.00 16.96
CA ASP A 973 11.91 16.31 15.54
C ASP A 973 12.32 15.10 14.74
N LYS A 974 13.32 14.36 15.24
CA LYS A 974 13.78 13.17 14.56
C LYS A 974 12.69 12.10 14.52
N HIS A 975 11.98 11.91 15.62
CA HIS A 975 10.90 10.94 15.63
C HIS A 975 9.91 11.30 14.51
N ARG A 976 9.48 12.56 14.48
CA ARG A 976 8.53 13.03 13.47
C ARG A 976 9.00 12.70 12.06
N GLN A 977 10.27 12.99 11.79
CA GLN A 977 10.88 12.73 10.48
C GLN A 977 10.71 11.27 10.07
N VAL A 978 11.22 10.39 10.94
CA VAL A 978 11.16 8.98 10.70
C VAL A 978 9.73 8.51 10.47
N GLY A 979 8.86 8.83 11.43
CA GLY A 979 7.48 8.43 11.34
C GLY A 979 6.63 8.91 10.19
N ASN A 980 6.85 10.13 9.70
CA ASN A 980 6.04 10.62 8.59
C ASN A 980 6.50 10.07 7.26
N ALA A 981 7.73 9.57 7.22
CA ALA A 981 8.29 9.08 5.98
C ALA A 981 7.65 7.80 5.40
N VAL A 982 7.94 7.58 4.12
CA VAL A 982 7.51 6.40 3.41
C VAL A 982 8.68 5.46 3.59
N PRO A 983 8.44 4.21 4.00
CA PRO A 983 9.51 3.23 4.20
C PRO A 983 10.29 2.95 2.90
N PRO A 984 11.61 3.15 2.90
CA PRO A 984 12.38 2.91 1.67
C PRO A 984 12.11 1.56 0.99
N PRO A 985 12.09 0.47 1.77
CA PRO A 985 11.83 -0.82 1.12
C PRO A 985 10.58 -0.76 0.27
N LEU A 986 9.55 -0.06 0.75
CA LEU A 986 8.28 0.07 0.03
C LEU A 986 8.42 0.90 -1.25
N ALA A 987 9.13 2.01 -1.16
CA ALA A 987 9.36 2.89 -2.30
C ALA A 987 10.28 2.22 -3.33
N LYS A 988 11.18 1.36 -2.84
CA LYS A 988 12.09 0.65 -3.73
C LYS A 988 11.31 -0.32 -4.59
N ALA A 989 10.41 -1.04 -3.94
CA ALA A 989 9.59 -2.01 -4.64
C ALA A 989 8.82 -1.30 -5.73
N ILE A 990 8.19 -0.18 -5.37
CA ILE A 990 7.42 0.60 -6.34
C ILE A 990 8.34 1.11 -7.45
N GLY A 991 9.54 1.50 -7.04
CA GLY A 991 10.52 2.01 -7.98
C GLY A 991 10.92 0.98 -9.02
N LEU A 992 11.05 -0.27 -8.60
CA LEU A 992 11.44 -1.31 -9.54
C LEU A 992 10.34 -1.51 -10.60
N GLU A 993 9.09 -1.27 -10.23
CA GLU A 993 8.01 -1.42 -11.19
C GLU A 993 8.13 -0.32 -12.25
N ILE A 994 8.57 0.86 -11.85
CA ILE A 994 8.72 1.95 -12.79
C ILE A 994 9.94 1.64 -13.66
N LYS A 995 10.98 1.03 -13.07
CA LYS A 995 12.17 0.70 -13.82
C LYS A 995 11.86 -0.23 -14.99
N LEU A 996 10.99 -1.22 -14.74
CA LEU A 996 10.59 -2.16 -15.77
C LEU A 996 9.98 -1.43 -16.96
N CYS A 997 9.24 -0.37 -16.67
CA CYS A 997 8.61 0.40 -17.72
C CYS A 997 9.60 1.20 -18.53
N MET A 998 10.65 1.68 -17.87
CA MET A 998 11.68 2.44 -18.54
C MET A 998 12.42 1.53 -19.53
N LEU A 999 12.76 0.33 -19.07
CA LEU A 999 13.45 -0.66 -19.88
C LEU A 999 12.59 -1.17 -21.04
N ALA A 1000 11.27 -1.12 -20.86
CA ALA A 1000 10.35 -1.60 -21.88
C ALA A 1000 10.09 -0.58 -22.97
N LYS A 1001 10.36 0.69 -22.69
CA LYS A 1001 10.12 1.74 -23.67
C LYS A 1001 11.12 1.67 -24.81
N ALA A 1002 10.61 1.46 -26.02
CA ALA A 1002 11.43 1.39 -27.23
C ALA A 1002 11.26 2.65 -28.08
#